data_3EB2
#
_entry.id   3EB2
#
_cell.length_a   79.746
_cell.length_b   120.852
_cell.length_c   135.076
_cell.angle_alpha   90.00
_cell.angle_beta   90.00
_cell.angle_gamma   90.00
#
_symmetry.space_group_name_H-M   'P 21 21 21'
#
loop_
_entity.id
_entity.type
_entity.pdbx_description
1 polymer 'Putative dihydrodipicolinate synthetase'
2 non-polymer 'TRIETHYLENE GLYCOL'
3 water water
#
_entity_poly.entity_id   1
_entity_poly.type   'polypeptide(L)'
_entity_poly.pdbx_seq_one_letter_code
;MSLDFHGVFPYLVSPVDAEGRVRADVMGRLCDDLIQAGVHGLTPLGSTGEFAYLGTAQREAVVRATIEAAQRRVPVVAGV
ASTSVADAVAQAKLYEKLGADGILAILEAYFPLKDAQIESYFRAIADAVEIPVVIYTNPQFQRSDLTLDVIARLAEHPRI
RYIKDASTNTGRLLSIINRCGDALQVFSASAHIPAAVMLIGGVGWMAGPACIAPRQSVALYELCKAQRWDEALMLQRKLW
RVNEAFAKFNLAACIKAGLALQGYDVGDPIPPQAALTAEERKAVEKVLAEIAEGHHHHHH
;
_entity_poly.pdbx_strand_id   A,B,C,D
#
# COMPACT_ATOMS: atom_id res chain seq x y z
N ASP A 4 -5.17 -38.50 -1.52
CA ASP A 4 -5.35 -37.03 -1.38
C ASP A 4 -4.00 -36.32 -1.38
N PHE A 5 -3.94 -35.19 -2.08
CA PHE A 5 -2.69 -34.42 -2.14
C PHE A 5 -2.21 -34.13 -0.73
N HIS A 6 -0.91 -34.30 -0.50
CA HIS A 6 -0.32 -34.06 0.80
C HIS A 6 1.19 -33.98 0.62
N GLY A 7 1.89 -33.63 1.69
CA GLY A 7 3.33 -33.56 1.64
C GLY A 7 3.95 -32.41 0.87
N VAL A 8 5.15 -32.67 0.38
CA VAL A 8 5.95 -31.69 -0.34
C VAL A 8 5.78 -31.69 -1.87
N PHE A 9 5.30 -30.55 -2.37
CA PHE A 9 5.11 -30.35 -3.81
C PHE A 9 6.08 -29.26 -4.26
N PRO A 10 7.18 -29.64 -4.90
CA PRO A 10 8.12 -28.58 -5.34
C PRO A 10 7.50 -27.68 -6.42
N TYR A 11 7.75 -26.38 -6.32
CA TYR A 11 7.29 -25.45 -7.35
C TYR A 11 8.42 -25.53 -8.36
N LEU A 12 8.25 -26.38 -9.38
CA LEU A 12 9.28 -26.55 -10.39
C LEU A 12 9.64 -25.28 -11.15
N VAL A 13 10.92 -25.08 -11.40
CA VAL A 13 11.32 -23.93 -12.20
C VAL A 13 10.97 -24.36 -13.63
N SER A 14 10.91 -23.41 -14.55
CA SER A 14 10.61 -23.72 -15.94
C SER A 14 11.88 -23.49 -16.74
N PRO A 15 12.62 -24.57 -17.02
CA PRO A 15 13.88 -24.49 -17.77
C PRO A 15 13.68 -24.12 -19.24
N VAL A 16 14.35 -23.04 -19.67
CA VAL A 16 14.25 -22.59 -21.06
C VAL A 16 15.61 -22.11 -21.55
N ASP A 17 15.78 -22.08 -22.88
CA ASP A 17 17.02 -21.58 -23.44
C ASP A 17 16.81 -20.09 -23.71
N ALA A 18 17.86 -19.39 -24.12
CA ALA A 18 17.77 -17.96 -24.38
C ALA A 18 16.68 -17.60 -25.38
N GLU A 19 16.26 -18.56 -26.19
CA GLU A 19 15.23 -18.34 -27.20
C GLU A 19 13.83 -18.57 -26.64
N GLY A 20 13.75 -18.97 -25.38
CA GLY A 20 12.46 -19.21 -24.77
C GLY A 20 11.94 -20.62 -24.97
N ARG A 21 12.74 -21.45 -25.63
CA ARG A 21 12.34 -22.83 -25.88
C ARG A 21 12.53 -23.65 -24.60
N VAL A 22 11.48 -24.34 -24.18
CA VAL A 22 11.53 -25.15 -22.97
C VAL A 22 12.49 -26.33 -23.11
N ARG A 23 13.30 -26.57 -22.08
CA ARG A 23 14.24 -27.69 -22.10
C ARG A 23 13.55 -28.87 -21.43
N ALA A 24 12.72 -29.56 -22.20
CA ALA A 24 11.97 -30.70 -21.71
C ALA A 24 12.87 -31.79 -21.14
N ASP A 25 14.06 -31.92 -21.72
CA ASP A 25 15.04 -32.92 -21.26
C ASP A 25 15.52 -32.64 -19.84
N VAL A 26 15.89 -31.39 -19.58
CA VAL A 26 16.37 -31.01 -18.26
C VAL A 26 15.23 -31.08 -17.25
N MET A 27 14.04 -30.65 -17.65
CA MET A 27 12.89 -30.69 -16.77
C MET A 27 12.63 -32.13 -16.33
N GLY A 28 12.75 -33.06 -17.28
CA GLY A 28 12.53 -34.46 -16.98
C GLY A 28 13.48 -35.02 -15.93
N ARG A 29 14.77 -34.75 -16.09
CA ARG A 29 15.76 -35.25 -15.13
C ARG A 29 15.50 -34.65 -13.75
N LEU A 30 15.16 -33.36 -13.72
CA LEU A 30 14.85 -32.68 -12.46
C LEU A 30 13.67 -33.33 -11.75
N CYS A 31 12.57 -33.52 -12.48
CA CYS A 31 11.37 -34.14 -11.91
C CYS A 31 11.70 -35.55 -11.42
N ASP A 32 12.41 -36.31 -12.25
CA ASP A 32 12.77 -37.67 -11.86
C ASP A 32 13.60 -37.68 -10.58
N ASP A 33 14.60 -36.79 -10.51
CA ASP A 33 15.45 -36.72 -9.33
C ASP A 33 14.63 -36.32 -8.10
N LEU A 34 13.72 -35.36 -8.26
CA LEU A 34 12.90 -34.92 -7.14
C LEU A 34 12.02 -36.07 -6.66
N ILE A 35 11.42 -36.81 -7.59
CA ILE A 35 10.58 -37.94 -7.21
C ILE A 35 11.41 -38.98 -6.46
N GLN A 36 12.62 -39.26 -6.93
CA GLN A 36 13.47 -40.23 -6.25
C GLN A 36 13.86 -39.72 -4.87
N ALA A 37 13.84 -38.39 -4.70
CA ALA A 37 14.17 -37.78 -3.43
C ALA A 37 13.02 -37.94 -2.45
N GLY A 38 11.88 -38.43 -2.93
CA GLY A 38 10.73 -38.65 -2.08
C GLY A 38 9.65 -37.58 -2.04
N VAL A 39 9.70 -36.57 -2.91
CA VAL A 39 8.65 -35.54 -2.90
C VAL A 39 7.32 -36.24 -3.12
N HIS A 40 6.25 -35.63 -2.63
CA HIS A 40 4.92 -36.21 -2.72
C HIS A 40 4.06 -35.75 -3.89
N GLY A 41 4.57 -34.79 -4.64
CA GLY A 41 3.86 -34.27 -5.80
C GLY A 41 4.72 -33.26 -6.51
N LEU A 42 4.26 -32.79 -7.67
CA LEU A 42 4.99 -31.81 -8.45
C LEU A 42 4.02 -30.73 -8.93
N THR A 43 4.47 -29.48 -8.90
CA THR A 43 3.63 -28.37 -9.31
C THR A 43 4.29 -27.44 -10.33
N PRO A 44 4.09 -27.72 -11.61
CA PRO A 44 4.67 -26.87 -12.66
C PRO A 44 3.78 -25.64 -12.82
N LEU A 45 4.37 -24.54 -13.25
CA LEU A 45 3.67 -23.28 -13.48
C LEU A 45 3.16 -22.53 -12.25
N GLY A 46 3.91 -22.64 -11.16
CA GLY A 46 3.59 -21.90 -9.96
C GLY A 46 4.44 -20.64 -10.12
N SER A 47 4.41 -19.72 -9.17
CA SER A 47 5.20 -18.50 -9.28
C SER A 47 6.68 -18.74 -9.60
N THR A 48 7.28 -19.71 -8.92
CA THR A 48 8.69 -20.03 -9.12
C THR A 48 8.92 -20.58 -10.53
N GLY A 49 7.88 -21.13 -11.13
CA GLY A 49 7.98 -21.66 -12.48
C GLY A 49 7.79 -20.56 -13.50
N GLU A 50 7.83 -19.30 -13.04
CA GLU A 50 7.70 -18.14 -13.92
C GLU A 50 6.50 -18.20 -14.87
N PHE A 51 5.34 -18.64 -14.37
CA PHE A 51 4.17 -18.72 -15.24
C PHE A 51 3.83 -17.38 -15.89
N ALA A 52 4.06 -16.29 -15.16
CA ALA A 52 3.74 -14.95 -15.66
C ALA A 52 4.55 -14.52 -16.88
N TYR A 53 5.64 -15.24 -17.15
CA TYR A 53 6.53 -14.90 -18.26
C TYR A 53 6.48 -15.88 -19.44
N LEU A 54 5.64 -16.90 -19.34
CA LEU A 54 5.54 -17.91 -20.39
C LEU A 54 4.25 -17.83 -21.19
N GLY A 55 4.37 -18.05 -22.50
CA GLY A 55 3.21 -18.01 -23.37
C GLY A 55 2.46 -19.34 -23.36
N THR A 56 1.36 -19.40 -24.11
CA THR A 56 0.52 -20.60 -24.16
C THR A 56 1.31 -21.87 -24.50
N ALA A 57 2.07 -21.80 -25.59
CA ALA A 57 2.87 -22.93 -26.05
C ALA A 57 3.92 -23.31 -25.00
N GLN A 58 4.62 -22.31 -24.46
CA GLN A 58 5.64 -22.59 -23.46
C GLN A 58 4.98 -23.30 -22.26
N ARG A 59 3.85 -22.77 -21.81
CA ARG A 59 3.14 -23.37 -20.69
C ARG A 59 2.77 -24.84 -20.96
N GLU A 60 2.25 -25.11 -22.16
CA GLU A 60 1.88 -26.49 -22.52
C GLU A 60 3.11 -27.39 -22.50
N ALA A 61 4.21 -26.88 -23.05
CA ALA A 61 5.44 -27.65 -23.10
C ALA A 61 5.91 -28.03 -21.70
N VAL A 62 5.85 -27.07 -20.78
CA VAL A 62 6.27 -27.30 -19.39
C VAL A 62 5.44 -28.37 -18.71
N VAL A 63 4.12 -28.24 -18.80
CA VAL A 63 3.20 -29.19 -18.19
C VAL A 63 3.40 -30.58 -18.79
N ARG A 64 3.44 -30.63 -20.12
CA ARG A 64 3.63 -31.89 -20.83
C ARG A 64 4.93 -32.57 -20.39
N ALA A 65 6.02 -31.81 -20.30
CA ALA A 65 7.31 -32.36 -19.87
C ALA A 65 7.25 -32.94 -18.46
N THR A 66 6.56 -32.25 -17.56
CA THR A 66 6.42 -32.67 -16.18
C THR A 66 5.63 -33.98 -16.08
N ILE A 67 4.49 -34.03 -16.76
CA ILE A 67 3.64 -35.23 -16.73
C ILE A 67 4.39 -36.45 -17.28
N GLU A 68 5.03 -36.28 -18.43
CA GLU A 68 5.77 -37.38 -19.04
C GLU A 68 6.84 -37.95 -18.11
N ALA A 69 7.58 -37.07 -17.44
CA ALA A 69 8.64 -37.52 -16.54
C ALA A 69 8.13 -38.12 -15.23
N ALA A 70 6.99 -37.65 -14.75
CA ALA A 70 6.42 -38.14 -13.50
C ALA A 70 6.06 -39.63 -13.57
N GLN A 71 5.60 -40.07 -14.73
CA GLN A 71 5.21 -41.47 -14.94
C GLN A 71 4.15 -41.94 -13.93
N ARG A 72 3.24 -41.04 -13.55
CA ARG A 72 2.18 -41.41 -12.62
C ARG A 72 2.66 -41.72 -11.20
N ARG A 73 3.94 -41.48 -10.90
CA ARG A 73 4.45 -41.80 -9.57
C ARG A 73 3.98 -40.88 -8.46
N VAL A 74 3.68 -39.64 -8.79
CA VAL A 74 3.17 -38.69 -7.82
C VAL A 74 2.26 -37.76 -8.61
N PRO A 75 1.25 -37.18 -7.95
CA PRO A 75 0.35 -36.28 -8.68
C PRO A 75 1.03 -35.03 -9.21
N VAL A 76 0.61 -34.59 -10.39
CA VAL A 76 1.13 -33.38 -10.98
C VAL A 76 -0.02 -32.39 -10.95
N VAL A 77 0.16 -31.30 -10.22
CA VAL A 77 -0.85 -30.26 -10.12
C VAL A 77 -0.35 -29.08 -10.94
N ALA A 78 -1.05 -28.79 -12.04
CA ALA A 78 -0.66 -27.73 -12.95
C ALA A 78 -1.26 -26.35 -12.63
N GLY A 79 -0.40 -25.33 -12.64
CA GLY A 79 -0.85 -23.98 -12.36
C GLY A 79 -1.60 -23.38 -13.54
N VAL A 80 -2.80 -22.86 -13.28
CA VAL A 80 -3.62 -22.23 -14.31
C VAL A 80 -3.81 -20.79 -13.87
N ALA A 81 -3.10 -19.88 -14.54
CA ALA A 81 -3.17 -18.46 -14.21
C ALA A 81 -3.70 -17.67 -15.40
N SER A 82 -4.68 -16.82 -15.14
CA SER A 82 -5.27 -15.99 -16.19
C SER A 82 -6.10 -14.83 -15.63
N THR A 83 -6.43 -13.88 -16.49
CA THR A 83 -7.24 -12.74 -16.12
C THR A 83 -8.66 -12.96 -16.64
N SER A 84 -8.83 -13.96 -17.50
CA SER A 84 -10.14 -14.23 -18.07
C SER A 84 -10.60 -15.66 -17.89
N VAL A 85 -11.92 -15.83 -17.82
CA VAL A 85 -12.52 -17.14 -17.65
C VAL A 85 -12.20 -18.04 -18.85
N ALA A 86 -12.50 -17.56 -20.05
CA ALA A 86 -12.26 -18.33 -21.26
C ALA A 86 -10.84 -18.89 -21.35
N ASP A 87 -9.85 -18.04 -21.08
CA ASP A 87 -8.47 -18.49 -21.15
C ASP A 87 -8.12 -19.52 -20.07
N ALA A 88 -8.61 -19.29 -18.86
CA ALA A 88 -8.34 -20.19 -17.75
C ALA A 88 -8.95 -21.55 -18.01
N VAL A 89 -10.20 -21.55 -18.48
CA VAL A 89 -10.90 -22.80 -18.78
C VAL A 89 -10.14 -23.58 -19.85
N ALA A 90 -9.65 -22.85 -20.85
CA ALA A 90 -8.89 -23.47 -21.94
C ALA A 90 -7.64 -24.15 -21.40
N GLN A 91 -6.91 -23.47 -20.52
CA GLN A 91 -5.70 -24.04 -19.92
C GLN A 91 -6.03 -25.26 -19.08
N ALA A 92 -7.02 -25.14 -18.19
CA ALA A 92 -7.41 -26.24 -17.32
C ALA A 92 -7.79 -27.47 -18.12
N LYS A 93 -8.64 -27.30 -19.13
CA LYS A 93 -9.05 -28.44 -19.98
C LYS A 93 -7.85 -29.04 -20.70
N LEU A 94 -6.90 -28.20 -21.09
CA LEU A 94 -5.71 -28.70 -21.79
C LEU A 94 -4.82 -29.51 -20.86
N TYR A 95 -4.56 -28.98 -19.66
CA TYR A 95 -3.69 -29.68 -18.74
C TYR A 95 -4.32 -30.98 -18.25
N GLU A 96 -5.65 -30.99 -18.07
CA GLU A 96 -6.33 -32.19 -17.65
C GLU A 96 -6.14 -33.24 -18.74
N LYS A 97 -6.35 -32.82 -19.99
CA LYS A 97 -6.22 -33.72 -21.14
C LYS A 97 -4.81 -34.31 -21.23
N LEU A 98 -3.81 -33.49 -20.93
CA LEU A 98 -2.43 -33.94 -20.97
C LEU A 98 -2.14 -34.92 -19.84
N GLY A 99 -3.04 -35.00 -18.86
CA GLY A 99 -2.85 -35.92 -17.76
C GLY A 99 -2.55 -35.36 -16.38
N ALA A 100 -2.85 -34.09 -16.13
CA ALA A 100 -2.61 -33.50 -14.82
C ALA A 100 -3.54 -34.12 -13.79
N ASP A 101 -3.08 -34.24 -12.56
CA ASP A 101 -3.90 -34.83 -11.50
C ASP A 101 -4.71 -33.77 -10.76
N GLY A 102 -4.32 -32.52 -10.93
CA GLY A 102 -5.02 -31.43 -10.27
C GLY A 102 -4.71 -30.11 -10.94
N ILE A 103 -5.50 -29.09 -10.61
CA ILE A 103 -5.32 -27.76 -11.17
C ILE A 103 -5.10 -26.75 -10.04
N LEU A 104 -4.06 -25.94 -10.12
CA LEU A 104 -3.83 -24.90 -9.12
C LEU A 104 -4.41 -23.63 -9.77
N ALA A 105 -5.63 -23.26 -9.37
CA ALA A 105 -6.31 -22.11 -9.95
C ALA A 105 -5.85 -20.77 -9.40
N ILE A 106 -5.32 -19.95 -10.30
CA ILE A 106 -4.80 -18.64 -9.92
C ILE A 106 -5.52 -17.53 -10.66
N LEU A 107 -6.13 -16.63 -9.91
CA LEU A 107 -6.83 -15.50 -10.52
C LEU A 107 -5.92 -14.30 -10.59
N GLU A 108 -5.68 -13.81 -11.81
CA GLU A 108 -4.89 -12.61 -11.98
C GLU A 108 -5.97 -11.58 -12.29
N ALA A 109 -5.79 -10.37 -11.82
CA ALA A 109 -6.78 -9.33 -12.07
C ALA A 109 -6.14 -8.06 -12.57
N TYR A 110 -6.91 -7.31 -13.36
CA TYR A 110 -6.45 -6.04 -13.87
C TYR A 110 -7.42 -5.05 -13.24
N PHE A 111 -8.65 -5.00 -13.77
CA PHE A 111 -9.67 -4.13 -13.19
C PHE A 111 -10.17 -4.86 -11.93
N PRO A 112 -10.49 -4.11 -10.85
CA PRO A 112 -10.99 -4.70 -9.60
C PRO A 112 -12.25 -5.54 -9.82
N LEU A 113 -12.39 -6.62 -9.06
CA LEU A 113 -13.54 -7.51 -9.17
C LEU A 113 -14.30 -7.65 -7.85
N LYS A 114 -15.62 -7.74 -7.94
CA LYS A 114 -16.46 -7.93 -6.75
C LYS A 114 -16.41 -9.42 -6.43
N ASP A 115 -16.77 -9.79 -5.21
CA ASP A 115 -16.71 -11.19 -4.80
C ASP A 115 -17.44 -12.17 -5.71
N ALA A 116 -18.59 -11.77 -6.23
CA ALA A 116 -19.38 -12.64 -7.11
C ALA A 116 -18.60 -13.00 -8.39
N GLN A 117 -17.91 -12.00 -8.96
CA GLN A 117 -17.14 -12.23 -10.17
C GLN A 117 -15.91 -13.09 -9.87
N ILE A 118 -15.29 -12.85 -8.72
CA ILE A 118 -14.13 -13.62 -8.32
C ILE A 118 -14.57 -15.08 -8.17
N GLU A 119 -15.70 -15.26 -7.49
CA GLU A 119 -16.23 -16.59 -7.25
C GLU A 119 -16.55 -17.29 -8.58
N SER A 120 -17.11 -16.55 -9.53
CA SER A 120 -17.44 -17.12 -10.83
C SER A 120 -16.21 -17.64 -11.60
N TYR A 121 -15.06 -16.99 -11.42
CA TYR A 121 -13.84 -17.41 -12.11
C TYR A 121 -13.42 -18.80 -11.64
N PHE A 122 -13.39 -19.00 -10.33
CA PHE A 122 -12.98 -20.29 -9.77
C PHE A 122 -14.02 -21.38 -10.04
N ARG A 123 -15.30 -21.03 -10.01
CA ARG A 123 -16.33 -22.03 -10.28
C ARG A 123 -16.26 -22.51 -11.73
N ALA A 124 -15.91 -21.60 -12.63
CA ALA A 124 -15.80 -21.91 -14.06
C ALA A 124 -14.68 -22.92 -14.33
N ILE A 125 -13.55 -22.74 -13.65
CA ILE A 125 -12.44 -23.65 -13.79
C ILE A 125 -12.88 -25.00 -13.26
N ALA A 126 -13.46 -25.03 -12.06
CA ALA A 126 -13.91 -26.26 -11.44
C ALA A 126 -14.96 -27.02 -12.27
N ASP A 127 -15.83 -26.27 -12.96
CA ASP A 127 -16.86 -26.89 -13.78
C ASP A 127 -16.36 -27.40 -15.12
N ALA A 128 -15.17 -26.94 -15.52
CA ALA A 128 -14.57 -27.34 -16.79
C ALA A 128 -13.79 -28.65 -16.76
N VAL A 129 -13.39 -29.10 -15.56
CA VAL A 129 -12.62 -30.33 -15.46
C VAL A 129 -13.22 -31.30 -14.45
N GLU A 130 -12.69 -32.53 -14.43
CA GLU A 130 -13.16 -33.55 -13.50
C GLU A 130 -12.12 -33.79 -12.42
N ILE A 131 -10.92 -33.23 -12.59
CA ILE A 131 -9.87 -33.38 -11.58
C ILE A 131 -10.01 -32.29 -10.51
N PRO A 132 -9.45 -32.55 -9.31
CA PRO A 132 -9.49 -31.62 -8.17
C PRO A 132 -8.88 -30.25 -8.44
N VAL A 133 -9.46 -29.24 -7.82
CA VAL A 133 -8.98 -27.88 -7.96
C VAL A 133 -8.42 -27.36 -6.65
N VAL A 134 -7.22 -26.77 -6.74
CA VAL A 134 -6.55 -26.18 -5.59
C VAL A 134 -6.64 -24.67 -5.81
N ILE A 135 -7.34 -23.96 -4.92
CA ILE A 135 -7.48 -22.52 -5.03
C ILE A 135 -6.22 -21.81 -4.52
N TYR A 136 -5.67 -20.91 -5.34
CA TYR A 136 -4.47 -20.17 -4.93
C TYR A 136 -4.89 -18.84 -4.33
N THR A 137 -4.17 -18.43 -3.29
CA THR A 137 -4.48 -17.16 -2.64
C THR A 137 -3.26 -16.51 -1.99
N ASN A 138 -3.15 -15.19 -2.18
CA ASN A 138 -2.09 -14.40 -1.56
C ASN A 138 -2.51 -12.96 -1.56
N PRO A 139 -3.33 -12.57 -0.57
CA PRO A 139 -3.87 -11.22 -0.38
C PRO A 139 -2.79 -10.13 -0.35
N GLN A 140 -1.58 -10.50 0.03
CA GLN A 140 -0.49 -9.52 0.11
C GLN A 140 0.13 -9.17 -1.24
N PHE A 141 -0.23 -9.91 -2.29
CA PHE A 141 0.32 -9.66 -3.62
C PHE A 141 -0.73 -9.55 -4.72
N GLN A 142 -1.72 -10.44 -4.69
CA GLN A 142 -2.77 -10.46 -5.69
C GLN A 142 -3.63 -9.20 -5.67
N ARG A 143 -4.01 -8.70 -6.85
CA ARG A 143 -4.85 -7.50 -6.94
C ARG A 143 -6.28 -7.81 -6.50
N SER A 144 -6.75 -9.00 -6.84
CA SER A 144 -8.10 -9.45 -6.47
C SER A 144 -7.95 -10.78 -5.76
N ASP A 145 -8.26 -10.83 -4.47
CA ASP A 145 -8.12 -12.10 -3.77
C ASP A 145 -9.41 -12.63 -3.16
N LEU A 146 -9.28 -13.50 -2.15
CA LEU A 146 -10.43 -14.14 -1.55
C LEU A 146 -10.67 -13.86 -0.07
N THR A 147 -11.92 -13.57 0.27
CA THR A 147 -12.29 -13.36 1.66
C THR A 147 -12.66 -14.74 2.20
N LEU A 148 -12.69 -14.89 3.52
CA LEU A 148 -13.06 -16.18 4.10
C LEU A 148 -14.43 -16.59 3.62
N ASP A 149 -15.35 -15.63 3.51
CA ASP A 149 -16.71 -15.93 3.06
C ASP A 149 -16.68 -16.53 1.66
N VAL A 150 -15.88 -15.94 0.77
CA VAL A 150 -15.80 -16.46 -0.59
C VAL A 150 -15.15 -17.85 -0.58
N ILE A 151 -14.09 -18.02 0.21
CA ILE A 151 -13.43 -19.32 0.29
C ILE A 151 -14.42 -20.39 0.76
N ALA A 152 -15.20 -20.06 1.78
CA ALA A 152 -16.19 -20.99 2.32
C ALA A 152 -17.23 -21.38 1.25
N ARG A 153 -17.68 -20.42 0.47
CA ARG A 153 -18.65 -20.74 -0.58
C ARG A 153 -18.02 -21.60 -1.67
N LEU A 154 -16.79 -21.29 -2.04
CA LEU A 154 -16.10 -22.05 -3.06
C LEU A 154 -15.84 -23.49 -2.62
N ALA A 155 -15.62 -23.69 -1.32
CA ALA A 155 -15.34 -25.03 -0.78
C ALA A 155 -16.54 -25.95 -0.99
N GLU A 156 -17.72 -25.37 -1.18
CA GLU A 156 -18.93 -26.17 -1.38
C GLU A 156 -18.94 -26.87 -2.74
N HIS A 157 -18.16 -26.37 -3.70
CA HIS A 157 -18.11 -27.00 -5.01
C HIS A 157 -17.44 -28.37 -4.85
N PRO A 158 -18.07 -29.43 -5.37
CA PRO A 158 -17.52 -30.80 -5.26
C PRO A 158 -16.06 -31.02 -5.67
N ARG A 159 -15.54 -30.20 -6.58
CA ARG A 159 -14.16 -30.38 -7.00
C ARG A 159 -13.15 -29.40 -6.43
N ILE A 160 -13.63 -28.39 -5.70
CA ILE A 160 -12.71 -27.44 -5.06
C ILE A 160 -12.47 -28.06 -3.68
N ARG A 161 -11.35 -28.78 -3.55
CA ARG A 161 -11.03 -29.49 -2.31
C ARG A 161 -9.78 -29.04 -1.56
N TYR A 162 -9.03 -28.10 -2.14
CA TYR A 162 -7.81 -27.62 -1.50
C TYR A 162 -7.63 -26.14 -1.73
N ILE A 163 -6.75 -25.55 -0.94
CA ILE A 163 -6.41 -24.14 -1.06
C ILE A 163 -4.94 -23.99 -0.67
N LYS A 164 -4.20 -23.17 -1.41
CA LYS A 164 -2.80 -22.92 -1.10
C LYS A 164 -2.64 -21.42 -0.90
N ASP A 165 -2.13 -21.05 0.28
CA ASP A 165 -1.95 -19.64 0.64
C ASP A 165 -0.46 -19.31 0.64
N ALA A 166 -0.09 -18.30 -0.14
CA ALA A 166 1.31 -17.88 -0.26
C ALA A 166 1.66 -16.62 0.53
N SER A 167 0.72 -16.12 1.32
CA SER A 167 0.99 -14.93 2.14
C SER A 167 1.80 -15.35 3.36
N THR A 168 2.14 -14.40 4.22
CA THR A 168 2.89 -14.70 5.45
C THR A 168 1.91 -14.86 6.61
N ASN A 169 0.64 -14.58 6.34
CA ASN A 169 -0.43 -14.61 7.34
C ASN A 169 -0.92 -16.02 7.68
N THR A 170 -0.15 -16.71 8.53
CA THR A 170 -0.47 -18.08 8.93
C THR A 170 -1.75 -18.14 9.76
N GLY A 171 -2.09 -17.05 10.44
CA GLY A 171 -3.31 -17.04 11.25
C GLY A 171 -4.52 -17.25 10.37
N ARG A 172 -4.45 -16.71 9.15
CA ARG A 172 -5.51 -16.84 8.17
C ARG A 172 -5.77 -18.31 7.85
N LEU A 173 -4.70 -19.10 7.81
CA LEU A 173 -4.83 -20.52 7.54
C LEU A 173 -5.70 -21.21 8.61
N LEU A 174 -5.46 -20.88 9.88
CA LEU A 174 -6.23 -21.50 10.95
C LEU A 174 -7.71 -21.10 10.83
N SER A 175 -7.98 -19.85 10.44
CA SER A 175 -9.36 -19.40 10.27
C SER A 175 -10.04 -20.23 9.18
N ILE A 176 -9.29 -20.50 8.11
CA ILE A 176 -9.83 -21.30 6.99
C ILE A 176 -10.15 -22.71 7.48
N ILE A 177 -9.23 -23.30 8.23
CA ILE A 177 -9.43 -24.65 8.75
C ILE A 177 -10.58 -24.73 9.75
N ASN A 178 -10.72 -23.75 10.63
CA ASN A 178 -11.83 -23.75 11.58
C ASN A 178 -13.16 -23.65 10.84
N ARG A 179 -13.17 -22.89 9.75
CA ARG A 179 -14.38 -22.67 8.95
C ARG A 179 -14.73 -23.78 7.96
N CYS A 180 -13.72 -24.31 7.27
CA CYS A 180 -13.95 -25.33 6.26
C CYS A 180 -13.68 -26.79 6.62
N GLY A 181 -12.85 -27.04 7.62
CA GLY A 181 -12.55 -28.40 7.99
C GLY A 181 -11.97 -29.18 6.82
N ASP A 182 -12.25 -30.48 6.75
CA ASP A 182 -11.70 -31.28 5.66
C ASP A 182 -12.30 -31.00 4.28
N ALA A 183 -13.27 -30.11 4.20
CA ALA A 183 -13.86 -29.75 2.92
C ALA A 183 -12.83 -28.99 2.08
N LEU A 184 -11.82 -28.42 2.74
CA LEU A 184 -10.78 -27.66 2.06
C LEU A 184 -9.42 -27.85 2.77
N GLN A 185 -8.62 -28.79 2.28
CA GLN A 185 -7.32 -29.08 2.88
C GLN A 185 -6.31 -28.01 2.52
N VAL A 186 -5.57 -27.54 3.53
CA VAL A 186 -4.62 -26.46 3.33
C VAL A 186 -3.16 -26.75 3.02
N PHE A 187 -2.65 -26.04 2.01
CA PHE A 187 -1.26 -26.11 1.61
C PHE A 187 -0.68 -24.71 1.83
N SER A 188 0.58 -24.64 2.26
CA SER A 188 1.25 -23.35 2.46
C SER A 188 2.36 -23.21 1.44
N ALA A 189 3.01 -22.05 1.45
CA ALA A 189 4.11 -21.76 0.55
C ALA A 189 5.29 -21.40 1.45
N SER A 190 6.43 -21.09 0.85
CA SER A 190 7.63 -20.78 1.63
C SER A 190 7.52 -19.57 2.57
N ALA A 191 6.47 -18.77 2.42
CA ALA A 191 6.29 -17.60 3.29
C ALA A 191 5.80 -17.99 4.68
N HIS A 192 5.21 -19.19 4.79
CA HIS A 192 4.72 -19.73 6.07
C HIS A 192 5.78 -20.73 6.56
N ILE A 193 5.93 -20.87 7.87
CA ILE A 193 6.88 -21.83 8.41
C ILE A 193 6.20 -23.20 8.27
N PRO A 194 6.81 -24.13 7.51
CA PRO A 194 6.23 -25.47 7.29
C PRO A 194 5.77 -26.20 8.54
N ALA A 195 6.63 -26.25 9.56
CA ALA A 195 6.28 -26.95 10.80
C ALA A 195 5.05 -26.32 11.49
N ALA A 196 4.94 -25.00 11.42
CA ALA A 196 3.82 -24.31 12.05
C ALA A 196 2.53 -24.65 11.29
N VAL A 197 2.63 -24.73 9.98
CA VAL A 197 1.47 -25.07 9.17
C VAL A 197 0.99 -26.48 9.52
N MET A 198 1.93 -27.42 9.61
CA MET A 198 1.58 -28.81 9.94
C MET A 198 0.99 -28.88 11.36
N LEU A 199 1.56 -28.11 12.28
CA LEU A 199 1.06 -28.14 13.65
C LEU A 199 -0.41 -27.76 13.68
N ILE A 200 -0.80 -26.70 12.96
CA ILE A 200 -2.18 -26.23 13.00
C ILE A 200 -3.19 -26.97 12.13
N GLY A 201 -2.76 -28.00 11.41
CA GLY A 201 -3.71 -28.74 10.59
C GLY A 201 -3.54 -28.73 9.09
N GLY A 202 -2.46 -28.12 8.59
CA GLY A 202 -2.23 -28.09 7.16
C GLY A 202 -1.87 -29.50 6.70
N VAL A 203 -1.90 -29.75 5.40
CA VAL A 203 -1.58 -31.08 4.89
C VAL A 203 -0.25 -31.16 4.14
N GLY A 204 0.32 -30.01 3.83
CA GLY A 204 1.59 -30.00 3.12
C GLY A 204 1.91 -28.61 2.62
N TRP A 205 2.90 -28.52 1.74
CA TRP A 205 3.25 -27.23 1.18
C TRP A 205 3.79 -27.36 -0.23
N MET A 206 3.59 -26.32 -1.03
CA MET A 206 4.04 -26.27 -2.42
C MET A 206 4.98 -25.07 -2.47
N ALA A 207 6.27 -25.31 -2.67
CA ALA A 207 7.21 -24.19 -2.69
C ALA A 207 8.47 -24.35 -3.54
N GLY A 208 9.04 -23.22 -3.93
CA GLY A 208 10.23 -23.23 -4.74
C GLY A 208 11.47 -23.82 -4.08
N PRO A 209 11.73 -23.52 -2.79
CA PRO A 209 12.91 -24.05 -2.08
C PRO A 209 13.00 -25.58 -2.05
N ALA A 210 11.84 -26.25 -2.16
CA ALA A 210 11.83 -27.72 -2.16
C ALA A 210 12.64 -28.29 -3.33
N CYS A 211 12.75 -27.51 -4.41
CA CYS A 211 13.51 -27.93 -5.58
C CYS A 211 14.98 -28.19 -5.27
N ILE A 212 15.57 -27.35 -4.42
CA ILE A 212 16.98 -27.49 -4.08
C ILE A 212 17.27 -28.25 -2.80
N ALA A 213 16.23 -28.57 -2.03
CA ALA A 213 16.41 -29.33 -0.79
C ALA A 213 15.24 -30.29 -0.61
N PRO A 214 15.00 -31.16 -1.62
CA PRO A 214 13.90 -32.12 -1.56
C PRO A 214 13.92 -33.11 -0.39
N ARG A 215 15.02 -33.86 -0.25
CA ARG A 215 15.12 -34.85 0.83
C ARG A 215 14.91 -34.24 2.22
N GLN A 216 15.55 -33.11 2.49
CA GLN A 216 15.42 -32.47 3.78
C GLN A 216 13.98 -32.00 3.99
N SER A 217 13.36 -31.49 2.93
CA SER A 217 11.99 -31.01 3.00
C SER A 217 11.05 -32.17 3.32
N VAL A 218 11.29 -33.30 2.66
CA VAL A 218 10.49 -34.51 2.87
C VAL A 218 10.67 -35.00 4.31
N ALA A 219 11.92 -35.02 4.77
CA ALA A 219 12.22 -35.44 6.14
C ALA A 219 11.47 -34.56 7.13
N LEU A 220 11.45 -33.25 6.89
CA LEU A 220 10.75 -32.34 7.79
C LEU A 220 9.26 -32.66 7.85
N TYR A 221 8.67 -32.95 6.69
CA TYR A 221 7.26 -33.27 6.62
C TYR A 221 6.98 -34.53 7.42
N GLU A 222 7.78 -35.56 7.19
CA GLU A 222 7.62 -36.84 7.88
C GLU A 222 7.72 -36.69 9.41
N LEU A 223 8.67 -35.88 9.87
CA LEU A 223 8.84 -35.67 11.31
C LEU A 223 7.61 -34.99 11.89
N CYS A 224 7.05 -34.04 11.14
CA CYS A 224 5.85 -33.34 11.59
C CYS A 224 4.69 -34.33 11.66
N LYS A 225 4.50 -35.12 10.60
CA LYS A 225 3.42 -36.10 10.58
C LYS A 225 3.54 -37.09 11.72
N ALA A 226 4.78 -37.47 12.05
CA ALA A 226 5.03 -38.41 13.13
C ALA A 226 5.02 -37.69 14.47
N GLN A 227 4.66 -36.41 14.44
CA GLN A 227 4.61 -35.59 15.64
C GLN A 227 5.92 -35.56 16.43
N ARG A 228 7.04 -35.72 15.74
CA ARG A 228 8.34 -35.66 16.39
C ARG A 228 8.77 -34.20 16.26
N TRP A 229 8.08 -33.34 17.01
CA TRP A 229 8.32 -31.89 16.97
C TRP A 229 9.70 -31.38 17.35
N ASP A 230 10.32 -32.01 18.34
CA ASP A 230 11.66 -31.60 18.75
C ASP A 230 12.62 -31.68 17.57
N GLU A 231 12.66 -32.85 16.93
CA GLU A 231 13.53 -33.08 15.79
C GLU A 231 13.08 -32.25 14.58
N ALA A 232 11.77 -32.08 14.42
CA ALA A 232 11.24 -31.32 13.31
C ALA A 232 11.72 -29.87 13.38
N LEU A 233 11.68 -29.30 14.58
CA LEU A 233 12.11 -27.93 14.76
C LEU A 233 13.60 -27.75 14.53
N MET A 234 14.41 -28.70 14.97
CA MET A 234 15.85 -28.61 14.74
C MET A 234 16.11 -28.50 13.24
N LEU A 235 15.38 -29.30 12.48
CA LEU A 235 15.52 -29.30 11.03
C LEU A 235 14.88 -28.05 10.44
N GLN A 236 13.73 -27.65 10.98
CA GLN A 236 13.04 -26.46 10.49
C GLN A 236 13.91 -25.21 10.61
N ARG A 237 14.63 -25.08 11.73
CA ARG A 237 15.48 -23.91 11.94
C ARG A 237 16.57 -23.81 10.86
N LYS A 238 17.09 -24.96 10.44
CA LYS A 238 18.13 -25.01 9.41
C LYS A 238 17.53 -24.65 8.05
N LEU A 239 16.44 -25.31 7.68
CA LEU A 239 15.81 -25.06 6.39
C LEU A 239 15.25 -23.64 6.24
N TRP A 240 14.85 -23.03 7.34
CA TRP A 240 14.29 -21.67 7.29
C TRP A 240 15.31 -20.64 6.85
N ARG A 241 16.59 -20.99 6.93
CA ARG A 241 17.65 -20.06 6.54
C ARG A 241 17.55 -19.73 5.06
N VAL A 242 17.02 -20.67 4.29
CA VAL A 242 16.88 -20.47 2.85
C VAL A 242 15.97 -19.28 2.56
N ASN A 243 14.89 -19.17 3.31
CA ASN A 243 13.94 -18.09 3.12
C ASN A 243 14.55 -16.71 3.36
N GLU A 244 15.27 -16.56 4.46
CA GLU A 244 15.90 -15.29 4.78
C GLU A 244 17.02 -14.95 3.80
N ALA A 245 17.68 -15.97 3.29
CA ALA A 245 18.78 -15.78 2.36
C ALA A 245 18.29 -15.31 0.98
N PHE A 246 17.08 -15.69 0.61
CA PHE A 246 16.52 -15.32 -0.68
C PHE A 246 15.51 -14.16 -0.57
N ALA A 247 15.27 -13.69 0.63
CA ALA A 247 14.30 -12.63 0.91
C ALA A 247 14.29 -11.44 -0.04
N LYS A 248 15.46 -10.89 -0.35
CA LYS A 248 15.55 -9.72 -1.22
C LYS A 248 15.76 -10.02 -2.71
N PHE A 249 15.64 -11.29 -3.09
CA PHE A 249 15.86 -11.65 -4.49
C PHE A 249 14.67 -12.31 -5.18
N ASN A 250 14.73 -12.33 -6.50
CA ASN A 250 13.71 -12.95 -7.32
C ASN A 250 13.82 -14.43 -6.96
N LEU A 251 12.75 -15.02 -6.43
CA LEU A 251 12.78 -16.43 -6.02
C LEU A 251 13.12 -17.39 -7.17
N ALA A 252 12.57 -17.14 -8.34
CA ALA A 252 12.84 -17.98 -9.51
C ALA A 252 14.33 -17.91 -9.86
N ALA A 253 14.90 -16.71 -9.73
CA ALA A 253 16.31 -16.51 -10.02
C ALA A 253 17.16 -17.32 -9.03
N CYS A 254 16.73 -17.31 -7.78
CA CYS A 254 17.45 -18.03 -6.72
C CYS A 254 17.44 -19.54 -6.91
N ILE A 255 16.26 -20.09 -7.17
CA ILE A 255 16.16 -21.54 -7.37
C ILE A 255 16.85 -21.99 -8.65
N LYS A 256 16.78 -21.18 -9.71
CA LYS A 256 17.46 -21.56 -10.94
C LYS A 256 18.96 -21.53 -10.73
N ALA A 257 19.44 -20.53 -10.00
CA ALA A 257 20.88 -20.45 -9.73
C ALA A 257 21.26 -21.67 -8.90
N GLY A 258 20.48 -21.95 -7.86
CA GLY A 258 20.76 -23.09 -6.99
C GLY A 258 20.79 -24.41 -7.75
N LEU A 259 19.80 -24.64 -8.60
CA LEU A 259 19.73 -25.87 -9.38
C LEU A 259 20.92 -25.96 -10.32
N ALA A 260 21.32 -24.82 -10.90
CA ALA A 260 22.47 -24.81 -11.80
C ALA A 260 23.71 -25.26 -11.01
N LEU A 261 23.84 -24.76 -9.78
CA LEU A 261 24.96 -25.14 -8.93
C LEU A 261 24.91 -26.64 -8.63
N GLN A 262 23.72 -27.22 -8.63
CA GLN A 262 23.59 -28.65 -8.35
C GLN A 262 23.74 -29.51 -9.59
N GLY A 263 24.00 -28.88 -10.74
CA GLY A 263 24.19 -29.63 -11.97
C GLY A 263 23.08 -29.67 -12.99
N TYR A 264 22.03 -28.87 -12.79
CA TYR A 264 20.90 -28.84 -13.72
C TYR A 264 21.01 -27.62 -14.64
N ASP A 265 21.06 -27.87 -15.96
CA ASP A 265 21.18 -26.79 -16.94
C ASP A 265 19.80 -26.15 -17.18
N VAL A 266 19.26 -25.52 -16.13
CA VAL A 266 17.94 -24.91 -16.20
C VAL A 266 17.87 -23.54 -16.90
N GLY A 267 19.02 -22.95 -17.19
CA GLY A 267 19.01 -21.66 -17.85
C GLY A 267 18.75 -20.50 -16.89
N ASP A 268 18.41 -19.34 -17.45
CA ASP A 268 18.16 -18.14 -16.65
C ASP A 268 16.71 -17.70 -16.67
N PRO A 269 16.35 -16.78 -15.75
CA PRO A 269 14.98 -16.27 -15.71
C PRO A 269 14.71 -15.64 -17.08
N ILE A 270 13.44 -15.50 -17.43
CA ILE A 270 13.05 -14.90 -18.71
C ILE A 270 13.17 -13.37 -18.62
N PRO A 271 14.02 -12.76 -19.47
CA PRO A 271 14.19 -11.30 -19.46
C PRO A 271 12.82 -10.66 -19.54
N PRO A 272 12.66 -9.45 -18.98
CA PRO A 272 13.55 -8.53 -18.25
C PRO A 272 14.20 -9.03 -16.96
N GLN A 273 13.68 -10.13 -16.39
CA GLN A 273 14.28 -10.63 -15.14
C GLN A 273 15.74 -10.88 -15.39
N ALA A 274 16.56 -10.64 -14.37
CA ALA A 274 17.99 -10.87 -14.51
C ALA A 274 18.39 -12.08 -13.67
N ALA A 275 19.38 -12.82 -14.15
CA ALA A 275 19.86 -13.97 -13.39
C ALA A 275 20.62 -13.35 -12.23
N LEU A 276 20.86 -14.12 -11.18
CA LEU A 276 21.60 -13.58 -10.05
C LEU A 276 23.02 -13.26 -10.49
N THR A 277 23.56 -12.16 -10.00
CA THR A 277 24.93 -11.79 -10.33
C THR A 277 25.85 -12.72 -9.54
N ALA A 278 27.14 -12.72 -9.88
CA ALA A 278 28.11 -13.56 -9.19
C ALA A 278 28.08 -13.27 -7.69
N GLU A 279 28.02 -12.00 -7.33
CA GLU A 279 27.99 -11.60 -5.93
C GLU A 279 26.74 -12.14 -5.23
N GLU A 280 25.58 -11.95 -5.85
CA GLU A 280 24.32 -12.42 -5.26
C GLU A 280 24.28 -13.94 -5.14
N ARG A 281 24.90 -14.63 -6.09
CA ARG A 281 24.90 -16.08 -6.07
C ARG A 281 25.62 -16.65 -4.85
N LYS A 282 26.50 -15.85 -4.25
CA LYS A 282 27.23 -16.30 -3.07
C LYS A 282 26.27 -16.70 -1.96
N ALA A 283 25.13 -16.01 -1.88
CA ALA A 283 24.13 -16.31 -0.86
C ALA A 283 23.50 -17.68 -1.14
N VAL A 284 23.44 -18.05 -2.41
CA VAL A 284 22.87 -19.35 -2.79
C VAL A 284 23.88 -20.45 -2.47
N GLU A 285 25.15 -20.18 -2.76
CA GLU A 285 26.21 -21.15 -2.49
C GLU A 285 26.26 -21.36 -0.98
N LYS A 286 26.15 -20.27 -0.25
CA LYS A 286 26.21 -20.31 1.21
C LYS A 286 25.09 -21.13 1.84
N VAL A 287 23.84 -20.73 1.59
CA VAL A 287 22.71 -21.44 2.18
C VAL A 287 22.67 -22.91 1.78
N LEU A 288 23.10 -23.22 0.55
CA LEU A 288 23.12 -24.60 0.09
C LEU A 288 24.15 -25.43 0.84
N ALA A 289 25.35 -24.87 1.03
CA ALA A 289 26.41 -25.57 1.76
C ALA A 289 25.91 -25.79 3.19
N GLU A 290 25.19 -24.80 3.72
CA GLU A 290 24.66 -24.86 5.08
C GLU A 290 23.62 -25.96 5.25
N ILE A 291 22.81 -26.18 4.22
CA ILE A 291 21.80 -27.23 4.29
C ILE A 291 22.47 -28.56 3.98
N LEU B 3 12.41 -15.37 36.38
CA LEU B 3 12.43 -13.92 36.50
C LEU B 3 12.15 -13.23 35.15
N ASP B 4 12.73 -13.74 34.07
CA ASP B 4 12.52 -13.13 32.75
C ASP B 4 11.05 -13.09 32.35
N PHE B 5 10.68 -12.07 31.56
CA PHE B 5 9.31 -11.96 31.13
C PHE B 5 8.93 -13.17 30.29
N HIS B 6 7.73 -13.70 30.55
CA HIS B 6 7.25 -14.87 29.83
C HIS B 6 5.75 -14.96 30.03
N GLY B 7 5.11 -15.85 29.29
CA GLY B 7 3.69 -16.06 29.45
C GLY B 7 2.74 -15.04 28.83
N VAL B 8 1.57 -14.96 29.44
CA VAL B 8 0.49 -14.09 29.00
C VAL B 8 0.46 -12.73 29.67
N PHE B 9 0.58 -11.68 28.85
CA PHE B 9 0.53 -10.29 29.30
C PHE B 9 -0.67 -9.62 28.65
N PRO B 10 -1.75 -9.42 29.41
CA PRO B 10 -2.90 -8.77 28.77
C PRO B 10 -2.59 -7.32 28.41
N TYR B 11 -3.07 -6.89 27.25
CA TYR B 11 -2.91 -5.51 26.82
C TYR B 11 -4.14 -4.85 27.48
N LEU B 12 -3.93 -4.26 28.65
CA LEU B 12 -5.01 -3.62 29.38
C LEU B 12 -5.71 -2.49 28.62
N VAL B 13 -7.04 -2.44 28.73
CA VAL B 13 -7.78 -1.35 28.12
C VAL B 13 -7.55 -0.18 29.08
N SER B 14 -7.85 1.04 28.62
CA SER B 14 -7.70 2.23 29.44
C SER B 14 -9.09 2.75 29.79
N PRO B 15 -9.58 2.46 31.00
CA PRO B 15 -10.90 2.89 31.48
C PRO B 15 -10.97 4.40 31.69
N VAL B 16 -11.92 5.05 31.03
CA VAL B 16 -12.09 6.50 31.17
C VAL B 16 -13.56 6.91 31.06
N ASP B 17 -13.90 8.05 31.64
CA ASP B 17 -15.28 8.55 31.56
C ASP B 17 -15.41 9.43 30.32
N ALA B 18 -16.62 9.92 30.08
CA ALA B 18 -16.90 10.76 28.92
C ALA B 18 -16.03 12.01 28.90
N GLU B 19 -15.49 12.39 30.05
CA GLU B 19 -14.63 13.56 30.15
C GLU B 19 -13.17 13.19 29.88
N GLY B 20 -12.89 11.89 29.84
CA GLY B 20 -11.53 11.46 29.60
C GLY B 20 -10.70 11.20 30.84
N ARG B 21 -11.33 11.18 32.01
CA ARG B 21 -10.58 10.93 33.23
C ARG B 21 -10.44 9.43 33.47
N VAL B 22 -9.20 9.00 33.71
CA VAL B 22 -8.88 7.60 33.96
C VAL B 22 -9.63 7.09 35.20
N ARG B 23 -10.20 5.90 35.10
CA ARG B 23 -10.92 5.30 36.21
C ARG B 23 -9.99 4.33 36.92
N ALA B 24 -9.15 4.88 37.81
CA ALA B 24 -8.18 4.07 38.55
C ALA B 24 -8.80 2.88 39.28
N ASP B 25 -9.97 3.10 39.87
CA ASP B 25 -10.65 2.04 40.61
C ASP B 25 -11.07 0.88 39.72
N VAL B 26 -11.63 1.18 38.55
CA VAL B 26 -12.04 0.11 37.64
C VAL B 26 -10.79 -0.62 37.15
N MET B 27 -9.75 0.13 36.83
CA MET B 27 -8.51 -0.48 36.37
C MET B 27 -7.96 -1.41 37.45
N GLY B 28 -8.05 -0.95 38.69
CA GLY B 28 -7.58 -1.73 39.81
C GLY B 28 -8.23 -3.09 39.95
N ARG B 29 -9.56 -3.13 39.88
CA ARG B 29 -10.26 -4.41 40.01
C ARG B 29 -9.94 -5.33 38.83
N LEU B 30 -9.84 -4.74 37.64
CA LEU B 30 -9.51 -5.53 36.45
C LEU B 30 -8.14 -6.18 36.61
N CYS B 31 -7.12 -5.40 36.93
CA CYS B 31 -5.77 -5.92 37.10
C CYS B 31 -5.71 -6.97 38.20
N ASP B 32 -6.41 -6.71 39.29
CA ASP B 32 -6.43 -7.64 40.41
C ASP B 32 -7.05 -8.97 39.97
N ASP B 33 -8.14 -8.89 39.19
CA ASP B 33 -8.81 -10.09 38.71
C ASP B 33 -7.95 -10.85 37.71
N LEU B 34 -7.22 -10.12 36.85
CA LEU B 34 -6.37 -10.78 35.86
C LEU B 34 -5.23 -11.53 36.55
N ILE B 35 -4.66 -10.91 37.58
CA ILE B 35 -3.58 -11.53 38.34
C ILE B 35 -4.12 -12.81 39.02
N GLN B 36 -5.29 -12.72 39.64
CA GLN B 36 -5.86 -13.90 40.28
C GLN B 36 -6.17 -14.98 39.24
N ALA B 37 -6.39 -14.56 38.00
CA ALA B 37 -6.67 -15.51 36.93
C ALA B 37 -5.37 -16.20 36.47
N GLY B 38 -4.24 -15.75 37.02
CA GLY B 38 -2.97 -16.35 36.68
C GLY B 38 -2.08 -15.75 35.59
N VAL B 39 -2.46 -14.59 35.04
CA VAL B 39 -1.63 -13.99 33.98
C VAL B 39 -0.20 -13.78 34.49
N HIS B 40 0.76 -13.73 33.58
CA HIS B 40 2.16 -13.60 33.95
C HIS B 40 2.74 -12.19 33.95
N GLY B 41 1.92 -11.22 33.53
CA GLY B 41 2.36 -9.85 33.49
C GLY B 41 1.25 -8.95 33.01
N LEU B 42 1.47 -7.64 33.06
CA LEU B 42 0.47 -6.67 32.63
C LEU B 42 1.12 -5.61 31.75
N THR B 43 0.45 -5.26 30.65
CA THR B 43 0.98 -4.27 29.73
C THR B 43 0.00 -3.15 29.42
N PRO B 44 0.06 -2.06 30.20
CA PRO B 44 -0.87 -0.96 29.92
C PRO B 44 -0.29 -0.09 28.79
N LEU B 45 -1.13 0.71 28.16
CA LEU B 45 -0.71 1.58 27.08
C LEU B 45 -0.15 0.87 25.84
N GLY B 46 -0.79 -0.25 25.51
CA GLY B 46 -0.43 -0.99 24.31
C GLY B 46 -1.47 -0.47 23.31
N SER B 47 -1.55 -1.03 22.11
CA SER B 47 -2.54 -0.55 21.15
C SER B 47 -3.97 -0.67 21.71
N THR B 48 -4.25 -1.80 22.36
CA THR B 48 -5.58 -2.03 22.95
C THR B 48 -5.89 -1.03 24.06
N GLY B 49 -4.85 -0.43 24.63
CA GLY B 49 -5.03 0.53 25.70
C GLY B 49 -5.28 1.94 25.18
N GLU B 50 -5.39 2.08 23.86
CA GLU B 50 -5.63 3.38 23.23
C GLU B 50 -4.57 4.43 23.56
N PHE B 51 -3.30 4.05 23.55
CA PHE B 51 -2.24 5.01 23.87
C PHE B 51 -2.24 6.18 22.89
N ALA B 52 -2.60 5.91 21.64
CA ALA B 52 -2.62 6.97 20.63
C ALA B 52 -3.68 8.04 20.89
N TYR B 53 -4.61 7.76 21.80
CA TYR B 53 -5.69 8.71 22.11
C TYR B 53 -5.57 9.35 23.48
N LEU B 54 -4.52 9.03 24.22
CA LEU B 54 -4.34 9.57 25.56
C LEU B 54 -3.18 10.55 25.67
N GLY B 55 -3.40 11.65 26.40
CA GLY B 55 -2.36 12.66 26.58
C GLY B 55 -1.35 12.21 27.63
N THR B 56 -0.28 12.99 27.80
CA THR B 56 0.75 12.64 28.76
C THR B 56 0.22 12.47 30.18
N ALA B 57 -0.80 13.24 30.54
CA ALA B 57 -1.39 13.15 31.87
C ALA B 57 -2.24 11.88 32.02
N GLN B 58 -3.02 11.56 31.00
CA GLN B 58 -3.85 10.36 31.05
C GLN B 58 -2.97 9.11 31.04
N ARG B 59 -1.89 9.13 30.26
CA ARG B 59 -0.97 8.01 30.18
C ARG B 59 -0.36 7.72 31.55
N GLU B 60 0.06 8.78 32.24
CA GLU B 60 0.65 8.62 33.57
C GLU B 60 -0.38 8.05 34.55
N ALA B 61 -1.62 8.51 34.43
CA ALA B 61 -2.69 8.02 35.30
C ALA B 61 -2.91 6.51 35.09
N VAL B 62 -2.82 6.07 33.84
CA VAL B 62 -3.01 4.66 33.51
C VAL B 62 -1.91 3.80 34.10
N VAL B 63 -0.67 4.13 33.78
CA VAL B 63 0.47 3.39 34.29
C VAL B 63 0.46 3.39 35.83
N ARG B 64 0.14 4.54 36.43
CA ARG B 64 0.08 4.63 37.89
C ARG B 64 -0.92 3.62 38.44
N ALA B 65 -2.15 3.70 37.95
CA ALA B 65 -3.22 2.81 38.39
C ALA B 65 -2.86 1.34 38.25
N THR B 66 -2.19 0.98 37.16
CA THR B 66 -1.80 -0.41 36.92
C THR B 66 -0.76 -0.90 37.92
N ILE B 67 0.26 -0.07 38.15
CA ILE B 67 1.34 -0.43 39.06
C ILE B 67 0.82 -0.62 40.48
N GLU B 68 0.05 0.36 40.95
CA GLU B 68 -0.52 0.30 42.30
C GLU B 68 -1.30 -1.00 42.47
N ALA B 69 -2.13 -1.31 41.48
CA ALA B 69 -2.96 -2.51 41.53
C ALA B 69 -2.14 -3.79 41.53
N ALA B 70 -1.11 -3.85 40.69
CA ALA B 70 -0.28 -5.05 40.58
C ALA B 70 0.45 -5.40 41.87
N GLN B 71 0.88 -4.38 42.62
CA GLN B 71 1.59 -4.61 43.87
C GLN B 71 2.78 -5.56 43.69
N ARG B 72 3.52 -5.36 42.60
CA ARG B 72 4.69 -6.17 42.30
C ARG B 72 4.41 -7.67 42.18
N ARG B 73 3.14 -8.06 42.11
CA ARG B 73 2.80 -9.48 42.01
C ARG B 73 3.25 -10.06 40.66
N VAL B 74 3.15 -9.24 39.61
CA VAL B 74 3.56 -9.63 38.27
C VAL B 74 4.23 -8.40 37.68
N PRO B 75 5.13 -8.60 36.70
CA PRO B 75 5.78 -7.41 36.13
C PRO B 75 4.83 -6.55 35.33
N VAL B 76 5.08 -5.24 35.34
CA VAL B 76 4.26 -4.31 34.60
C VAL B 76 5.17 -3.70 33.55
N VAL B 77 4.81 -3.89 32.29
CA VAL B 77 5.58 -3.36 31.18
C VAL B 77 4.78 -2.22 30.58
N ALA B 78 5.31 -1.02 30.71
CA ALA B 78 4.64 0.18 30.23
C ALA B 78 5.00 0.55 28.80
N GLY B 79 3.95 0.72 27.99
CA GLY B 79 4.16 1.10 26.62
C GLY B 79 4.57 2.56 26.53
N VAL B 80 5.65 2.82 25.80
CA VAL B 80 6.14 4.17 25.59
C VAL B 80 6.11 4.40 24.09
N ALA B 81 5.17 5.23 23.66
CA ALA B 81 4.99 5.53 22.24
C ALA B 81 5.15 7.02 21.98
N SER B 82 5.94 7.35 20.98
CA SER B 82 6.17 8.76 20.63
C SER B 82 6.84 8.86 19.26
N THR B 83 6.88 10.08 18.73
CA THR B 83 7.52 10.33 17.46
C THR B 83 8.87 10.99 17.72
N SER B 84 9.10 11.42 18.96
CA SER B 84 10.37 12.07 19.31
C SER B 84 11.15 11.41 20.44
N VAL B 85 12.47 11.50 20.34
CA VAL B 85 13.35 10.93 21.35
C VAL B 85 13.11 11.58 22.72
N ALA B 86 13.02 12.90 22.73
CA ALA B 86 12.81 13.64 23.97
C ALA B 86 11.54 13.19 24.69
N ASP B 87 10.44 13.11 23.95
CA ASP B 87 9.18 12.69 24.54
C ASP B 87 9.25 11.24 25.02
N ALA B 88 9.82 10.37 24.20
CA ALA B 88 9.93 8.96 24.58
C ALA B 88 10.79 8.79 25.82
N VAL B 89 11.92 9.50 25.86
CA VAL B 89 12.82 9.42 27.00
C VAL B 89 12.09 9.88 28.26
N ALA B 90 11.34 10.98 28.15
CA ALA B 90 10.60 11.50 29.30
C ALA B 90 9.56 10.49 29.80
N GLN B 91 8.89 9.82 28.88
CA GLN B 91 7.89 8.82 29.27
C GLN B 91 8.52 7.65 29.99
N ALA B 92 9.56 7.08 29.39
CA ALA B 92 10.25 5.94 29.95
C ALA B 92 10.76 6.21 31.37
N LYS B 93 11.45 7.34 31.55
CA LYS B 93 12.00 7.68 32.87
C LYS B 93 10.86 7.85 33.88
N LEU B 94 9.75 8.40 33.42
CA LEU B 94 8.58 8.61 34.28
C LEU B 94 7.96 7.28 34.75
N TYR B 95 7.74 6.35 33.82
CA TYR B 95 7.13 5.07 34.17
C TYR B 95 8.08 4.24 35.01
N GLU B 96 9.39 4.39 34.77
CA GLU B 96 10.36 3.67 35.56
C GLU B 96 10.28 4.17 36.99
N LYS B 97 10.14 5.49 37.14
CA LYS B 97 10.05 6.13 38.45
C LYS B 97 8.78 5.68 39.16
N LEU B 98 7.68 5.62 38.42
CA LEU B 98 6.39 5.22 38.98
C LEU B 98 6.39 3.77 39.49
N GLY B 99 7.30 2.95 38.97
CA GLY B 99 7.36 1.56 39.41
C GLY B 99 7.29 0.50 38.32
N ALA B 100 7.38 0.90 37.05
CA ALA B 100 7.32 -0.07 35.96
C ALA B 100 8.51 -1.02 35.97
N ASP B 101 8.28 -2.26 35.55
CA ASP B 101 9.31 -3.29 35.51
C ASP B 101 9.97 -3.42 34.14
N GLY B 102 9.39 -2.77 33.15
CA GLY B 102 9.95 -2.84 31.81
C GLY B 102 9.29 -1.80 30.93
N ILE B 103 9.86 -1.56 29.75
CA ILE B 103 9.31 -0.59 28.83
C ILE B 103 9.07 -1.23 27.45
N LEU B 104 7.87 -1.06 26.93
CA LEU B 104 7.56 -1.57 25.60
C LEU B 104 7.79 -0.35 24.70
N ALA B 105 8.93 -0.31 24.02
CA ALA B 105 9.28 0.83 23.18
C ALA B 105 8.60 0.80 21.81
N ILE B 106 7.74 1.78 21.58
CA ILE B 106 7.00 1.89 20.33
C ILE B 106 7.42 3.13 19.56
N LEU B 107 7.90 2.94 18.34
CA LEU B 107 8.30 4.09 17.52
C LEU B 107 7.19 4.51 16.57
N GLU B 108 6.76 5.76 16.71
CA GLU B 108 5.73 6.31 15.82
C GLU B 108 6.50 7.25 14.90
N ALA B 109 6.16 7.24 13.63
CA ALA B 109 6.87 8.12 12.70
C ALA B 109 5.91 8.95 11.87
N TYR B 110 6.42 10.07 11.38
CA TYR B 110 5.66 10.95 10.53
C TYR B 110 6.46 10.99 9.23
N PHE B 111 7.64 11.61 9.28
CA PHE B 111 8.51 11.64 8.11
C PHE B 111 9.29 10.34 8.14
N PRO B 112 9.62 9.79 6.96
CA PRO B 112 10.39 8.53 6.96
C PRO B 112 11.75 8.70 7.64
N LEU B 113 12.22 7.62 8.26
CA LEU B 113 13.49 7.63 8.97
C LEU B 113 14.38 6.55 8.39
N LYS B 114 15.69 6.81 8.33
CA LYS B 114 16.63 5.82 7.85
C LYS B 114 16.95 4.94 9.05
N ASP B 115 17.50 3.75 8.82
CA ASP B 115 17.80 2.81 9.89
C ASP B 115 18.60 3.38 11.04
N ALA B 116 19.63 4.17 10.74
CA ALA B 116 20.45 4.75 11.79
C ALA B 116 19.61 5.60 12.75
N GLN B 117 18.65 6.33 12.19
CA GLN B 117 17.79 7.17 13.02
C GLN B 117 16.82 6.32 13.82
N ILE B 118 16.26 5.31 13.17
CA ILE B 118 15.33 4.40 13.83
C ILE B 118 16.06 3.77 15.01
N GLU B 119 17.29 3.34 14.77
CA GLU B 119 18.10 2.71 15.80
C GLU B 119 18.40 3.68 16.94
N SER B 120 18.66 4.95 16.61
CA SER B 120 18.98 5.94 17.63
C SER B 120 17.81 6.15 18.59
N TYR B 121 16.59 6.05 18.07
CA TYR B 121 15.40 6.22 18.89
C TYR B 121 15.33 5.19 20.00
N PHE B 122 15.45 3.91 19.63
CA PHE B 122 15.38 2.84 20.60
C PHE B 122 16.54 2.84 21.60
N ARG B 123 17.74 3.17 21.15
CA ARG B 123 18.89 3.21 22.04
C ARG B 123 18.74 4.33 23.05
N ALA B 124 18.10 5.43 22.64
CA ALA B 124 17.89 6.57 23.54
C ALA B 124 17.01 6.16 24.72
N ILE B 125 15.98 5.37 24.43
CA ILE B 125 15.07 4.90 25.47
C ILE B 125 15.78 3.89 26.38
N ALA B 126 16.49 2.95 25.78
CA ALA B 126 17.22 1.94 26.54
C ALA B 126 18.27 2.59 27.43
N ASP B 127 18.92 3.63 26.92
CA ASP B 127 19.94 4.31 27.70
C ASP B 127 19.34 5.18 28.81
N ALA B 128 18.08 5.59 28.65
CA ALA B 128 17.42 6.43 29.64
C ALA B 128 16.94 5.71 30.91
N VAL B 129 16.82 4.40 30.85
CA VAL B 129 16.36 3.63 32.01
C VAL B 129 17.28 2.45 32.34
N GLU B 130 17.01 1.82 33.47
CA GLU B 130 17.78 0.66 33.90
C GLU B 130 16.95 -0.62 33.79
N ILE B 131 15.63 -0.47 33.60
CA ILE B 131 14.76 -1.63 33.46
C ILE B 131 14.82 -2.15 32.02
N PRO B 132 14.43 -3.42 31.79
CA PRO B 132 14.46 -4.01 30.45
C PRO B 132 13.56 -3.28 29.46
N VAL B 133 13.93 -3.35 28.20
CA VAL B 133 13.16 -2.74 27.12
C VAL B 133 12.66 -3.82 26.17
N VAL B 134 11.38 -3.72 25.79
CA VAL B 134 10.79 -4.64 24.84
C VAL B 134 10.62 -3.83 23.55
N ILE B 135 11.26 -4.24 22.47
CA ILE B 135 11.14 -3.54 21.19
C ILE B 135 9.81 -3.91 20.53
N TYR B 136 9.02 -2.92 20.14
CA TYR B 136 7.74 -3.19 19.48
C TYR B 136 7.94 -3.09 17.97
N THR B 137 7.31 -4.01 17.24
CA THR B 137 7.42 -4.00 15.79
C THR B 137 6.17 -4.53 15.11
N ASN B 138 5.81 -3.90 14.00
CA ASN B 138 4.66 -4.30 13.18
C ASN B 138 4.79 -3.58 11.85
N PRO B 139 5.65 -4.09 10.96
CA PRO B 139 5.86 -3.47 9.65
C PRO B 139 4.63 -3.36 8.77
N GLN B 140 3.53 -4.02 9.15
CA GLN B 140 2.32 -3.97 8.34
C GLN B 140 1.48 -2.72 8.66
N PHE B 141 1.76 -2.07 9.79
CA PHE B 141 1.00 -0.89 10.20
C PHE B 141 1.88 0.35 10.44
N GLN B 142 3.04 0.14 11.04
CA GLN B 142 3.97 1.23 11.37
C GLN B 142 4.57 1.87 10.12
N ARG B 143 4.71 3.20 10.12
CA ARG B 143 5.31 3.89 8.98
C ARG B 143 6.82 3.64 8.91
N SER B 144 7.46 3.53 10.07
CA SER B 144 8.89 3.27 10.15
C SER B 144 9.11 2.09 11.08
N ASP B 145 9.52 0.95 10.53
CA ASP B 145 9.76 -0.21 11.37
C ASP B 145 11.21 -0.69 11.36
N LEU B 146 11.43 -1.92 11.83
CA LEU B 146 12.78 -2.46 11.92
C LEU B 146 13.13 -3.63 11.01
N THR B 147 14.31 -3.58 10.41
CA THR B 147 14.78 -4.66 9.56
C THR B 147 15.47 -5.63 10.52
N LEU B 148 15.80 -6.83 10.06
CA LEU B 148 16.47 -7.80 10.92
C LEU B 148 17.86 -7.34 11.35
N ASP B 149 18.53 -6.58 10.49
CA ASP B 149 19.86 -6.09 10.85
C ASP B 149 19.78 -5.07 11.98
N VAL B 150 18.79 -4.18 11.91
CA VAL B 150 18.62 -3.18 12.94
C VAL B 150 18.24 -3.89 14.23
N ILE B 151 17.36 -4.87 14.13
CA ILE B 151 16.94 -5.62 15.30
C ILE B 151 18.16 -6.31 15.92
N ALA B 152 19.00 -6.90 15.08
CA ALA B 152 20.19 -7.57 15.58
C ALA B 152 21.15 -6.57 16.28
N ARG B 153 21.31 -5.38 15.71
CA ARG B 153 22.20 -4.39 16.32
C ARG B 153 21.64 -3.92 17.66
N LEU B 154 20.32 -3.70 17.69
CA LEU B 154 19.66 -3.27 18.91
C LEU B 154 19.76 -4.30 20.04
N ALA B 155 19.78 -5.58 19.69
CA ALA B 155 19.87 -6.63 20.69
C ALA B 155 21.20 -6.60 21.44
N GLU B 156 22.21 -5.98 20.84
CA GLU B 156 23.53 -5.89 21.47
C GLU B 156 23.52 -4.96 22.68
N HIS B 157 22.45 -4.20 22.83
CA HIS B 157 22.34 -3.31 23.98
C HIS B 157 21.95 -4.20 25.15
N PRO B 158 22.67 -4.09 26.27
CA PRO B 158 22.40 -4.91 27.45
C PRO B 158 21.00 -4.77 28.04
N ARG B 159 20.32 -3.67 27.75
CA ARG B 159 18.98 -3.43 28.29
C ARG B 159 17.83 -3.84 27.34
N ILE B 160 18.13 -3.99 26.06
CA ILE B 160 17.11 -4.39 25.08
C ILE B 160 17.19 -5.91 25.03
N ARG B 161 16.25 -6.57 25.71
CA ARG B 161 16.25 -8.03 25.79
C ARG B 161 15.03 -8.76 25.23
N TYR B 162 14.03 -8.01 24.77
CA TYR B 162 12.82 -8.65 24.22
C TYR B 162 12.32 -7.88 23.01
N ILE B 163 11.52 -8.56 22.18
CA ILE B 163 10.92 -7.94 21.01
C ILE B 163 9.50 -8.52 20.91
N LYS B 164 8.53 -7.67 20.62
CA LYS B 164 7.13 -8.08 20.49
C LYS B 164 6.66 -7.67 19.11
N ASP B 165 6.20 -8.64 18.33
CA ASP B 165 5.76 -8.39 16.95
C ASP B 165 4.25 -8.53 16.84
N ALA B 166 3.60 -7.48 16.36
CA ALA B 166 2.15 -7.45 16.22
C ALA B 166 1.65 -7.72 14.80
N SER B 167 2.56 -8.03 13.87
CA SER B 167 2.16 -8.31 12.49
C SER B 167 1.65 -9.75 12.40
N THR B 168 1.21 -10.16 11.22
CA THR B 168 0.72 -11.53 11.04
C THR B 168 1.87 -12.42 10.54
N ASN B 169 3.03 -11.80 10.29
CA ASN B 169 4.19 -12.50 9.75
C ASN B 169 4.99 -13.33 10.76
N THR B 170 4.49 -14.51 11.07
CA THR B 170 5.14 -15.41 12.02
C THR B 170 6.51 -15.90 11.53
N GLY B 171 6.65 -16.06 10.22
CA GLY B 171 7.93 -16.51 9.68
C GLY B 171 9.06 -15.58 10.04
N ARG B 172 8.73 -14.29 10.21
CA ARG B 172 9.73 -13.30 10.58
C ARG B 172 10.21 -13.55 12.00
N LEU B 173 9.33 -14.06 12.86
CA LEU B 173 9.73 -14.33 14.25
C LEU B 173 10.82 -15.40 14.28
N LEU B 174 10.71 -16.39 13.40
CA LEU B 174 11.70 -17.47 13.35
C LEU B 174 13.05 -16.95 12.85
N SER B 175 13.02 -15.99 11.92
CA SER B 175 14.25 -15.41 11.40
C SER B 175 14.93 -14.64 12.51
N ILE B 176 14.14 -13.94 13.33
CA ILE B 176 14.66 -13.17 14.44
C ILE B 176 15.29 -14.10 15.49
N ILE B 177 14.63 -15.22 15.76
CA ILE B 177 15.15 -16.19 16.74
C ILE B 177 16.43 -16.83 16.23
N ASN B 178 16.47 -17.20 14.95
CA ASN B 178 17.67 -17.81 14.35
C ASN B 178 18.83 -16.82 14.42
N ARG B 179 18.51 -15.54 14.24
CA ARG B 179 19.50 -14.48 14.21
C ARG B 179 20.00 -14.03 15.59
N CYS B 180 19.08 -13.82 16.52
CA CYS B 180 19.45 -13.33 17.85
C CYS B 180 19.49 -14.34 18.98
N GLY B 181 18.88 -15.50 18.80
CA GLY B 181 18.88 -16.50 19.86
C GLY B 181 18.31 -15.92 21.14
N ASP B 182 18.88 -16.32 22.28
CA ASP B 182 18.43 -15.87 23.60
C ASP B 182 18.61 -14.37 23.87
N ALA B 183 19.45 -13.71 23.08
CA ALA B 183 19.68 -12.28 23.28
C ALA B 183 18.39 -11.47 23.15
N LEU B 184 17.44 -12.01 22.41
CA LEU B 184 16.17 -11.33 22.19
C LEU B 184 15.00 -12.32 22.30
N GLN B 185 14.36 -12.35 23.46
CA GLN B 185 13.23 -13.27 23.66
C GLN B 185 11.96 -12.71 22.99
N VAL B 186 11.31 -13.56 22.19
CA VAL B 186 10.14 -13.15 21.42
C VAL B 186 8.74 -13.29 22.02
N PHE B 187 7.99 -12.20 21.90
CA PHE B 187 6.59 -12.11 22.34
C PHE B 187 5.77 -11.81 21.08
N SER B 188 4.61 -12.42 20.97
CA SER B 188 3.75 -12.16 19.82
C SER B 188 2.48 -11.45 20.32
N ALA B 189 1.62 -11.08 19.39
CA ALA B 189 0.35 -10.43 19.69
C ALA B 189 -0.73 -11.34 19.13
N SER B 190 -1.97 -10.87 19.09
CA SER B 190 -3.06 -11.71 18.61
C SER B 190 -3.08 -12.00 17.10
N ALA B 191 -2.28 -11.27 16.32
CA ALA B 191 -2.25 -11.55 14.88
C ALA B 191 -1.48 -12.84 14.58
N HIS B 192 -0.73 -13.34 15.56
CA HIS B 192 0.03 -14.59 15.41
C HIS B 192 -0.74 -15.66 16.17
N ILE B 193 -0.64 -16.91 15.72
CA ILE B 193 -1.29 -18.02 16.43
C ILE B 193 -0.38 -18.35 17.62
N PRO B 194 -0.88 -18.16 18.85
CA PRO B 194 -0.07 -18.45 20.05
C PRO B 194 0.68 -19.79 20.03
N ALA B 195 -0.02 -20.87 19.69
CA ALA B 195 0.60 -22.18 19.65
C ALA B 195 1.75 -22.27 18.66
N ALA B 196 1.62 -21.60 17.52
CA ALA B 196 2.68 -21.61 16.51
C ALA B 196 3.90 -20.86 17.02
N VAL B 197 3.66 -19.72 17.67
CA VAL B 197 4.74 -18.91 18.21
C VAL B 197 5.52 -19.71 19.26
N MET B 198 4.80 -20.38 20.17
CA MET B 198 5.47 -21.17 21.21
C MET B 198 6.24 -22.32 20.58
N LEU B 199 5.67 -22.92 19.53
CA LEU B 199 6.34 -24.04 18.85
C LEU B 199 7.72 -23.64 18.34
N ILE B 200 7.81 -22.46 17.72
CA ILE B 200 9.07 -22.00 17.14
C ILE B 200 10.05 -21.31 18.08
N GLY B 201 9.67 -21.12 19.34
CA GLY B 201 10.59 -20.51 20.28
C GLY B 201 10.21 -19.22 20.98
N GLY B 202 8.99 -18.74 20.80
CA GLY B 202 8.58 -17.52 21.48
C GLY B 202 8.49 -17.79 22.97
N VAL B 203 8.44 -16.74 23.79
CA VAL B 203 8.33 -16.93 25.24
C VAL B 203 6.95 -16.60 25.79
N GLY B 204 6.10 -16.03 24.95
CA GLY B 204 4.75 -15.68 25.38
C GLY B 204 4.12 -14.68 24.44
N TRP B 205 3.07 -14.02 24.91
CA TRP B 205 2.40 -13.02 24.10
C TRP B 205 1.72 -11.93 24.93
N MET B 206 1.61 -10.76 24.32
CA MET B 206 0.94 -9.60 24.94
C MET B 206 -0.22 -9.31 24.01
N ALA B 207 -1.45 -9.50 24.50
CA ALA B 207 -2.62 -9.29 23.66
C ALA B 207 -3.87 -8.78 24.38
N GLY B 208 -4.72 -8.10 23.63
CA GLY B 208 -5.95 -7.57 24.19
C GLY B 208 -6.94 -8.64 24.61
N PRO B 209 -7.19 -9.66 23.76
CA PRO B 209 -8.14 -10.72 24.10
C PRO B 209 -7.86 -11.38 25.45
N ALA B 210 -6.59 -11.42 25.86
CA ALA B 210 -6.21 -12.02 27.14
C ALA B 210 -7.02 -11.40 28.28
N CYS B 211 -7.52 -10.19 28.04
CA CYS B 211 -8.31 -9.48 29.03
C CYS B 211 -9.66 -10.16 29.30
N ILE B 212 -10.29 -10.68 28.24
CA ILE B 212 -11.58 -11.33 28.40
C ILE B 212 -11.53 -12.86 28.54
N ALA B 213 -10.36 -13.45 28.29
CA ALA B 213 -10.18 -14.89 28.44
C ALA B 213 -8.83 -15.20 29.08
N PRO B 214 -8.56 -14.62 30.26
CA PRO B 214 -7.28 -14.84 30.96
C PRO B 214 -6.96 -16.28 31.37
N ARG B 215 -7.94 -16.97 31.94
CA ARG B 215 -7.68 -18.35 32.35
C ARG B 215 -7.45 -19.29 31.18
N GLN B 216 -8.18 -19.08 30.09
CA GLN B 216 -8.02 -19.93 28.92
C GLN B 216 -6.68 -19.64 28.23
N SER B 217 -6.27 -18.38 28.24
CA SER B 217 -5.00 -17.98 27.63
C SER B 217 -3.85 -18.61 28.41
N VAL B 218 -3.92 -18.50 29.74
CA VAL B 218 -2.90 -19.08 30.61
C VAL B 218 -2.84 -20.59 30.40
N ALA B 219 -4.00 -21.23 30.32
CA ALA B 219 -4.06 -22.68 30.12
C ALA B 219 -3.38 -23.07 28.80
N LEU B 220 -3.62 -22.28 27.76
CA LEU B 220 -3.03 -22.54 26.45
C LEU B 220 -1.51 -22.42 26.55
N TYR B 221 -1.04 -21.37 27.23
CA TYR B 221 0.40 -21.16 27.41
C TYR B 221 1.04 -22.39 28.07
N GLU B 222 0.46 -22.83 29.17
CA GLU B 222 1.00 -23.97 29.89
C GLU B 222 1.01 -25.25 29.05
N LEU B 223 -0.06 -25.49 28.31
CA LEU B 223 -0.11 -26.69 27.48
C LEU B 223 1.02 -26.66 26.43
N CYS B 224 1.25 -25.48 25.85
CA CYS B 224 2.31 -25.34 24.85
C CYS B 224 3.68 -25.56 25.50
N LYS B 225 3.90 -24.95 26.66
CA LYS B 225 5.16 -25.09 27.37
C LYS B 225 5.44 -26.55 27.72
N ALA B 226 4.39 -27.30 28.06
CA ALA B 226 4.52 -28.72 28.41
C ALA B 226 4.52 -29.63 27.19
N GLN B 227 4.47 -29.04 26.00
CA GLN B 227 4.46 -29.80 24.75
C GLN B 227 3.29 -30.77 24.60
N ARG B 228 2.14 -30.39 25.14
CA ARG B 228 0.94 -31.20 25.03
C ARG B 228 0.18 -30.59 23.86
N TRP B 229 0.78 -30.70 22.68
CA TRP B 229 0.24 -30.14 21.44
C TRP B 229 -1.17 -30.51 21.03
N ASP B 230 -1.57 -31.75 21.28
CA ASP B 230 -2.93 -32.15 20.90
C ASP B 230 -3.94 -31.35 21.70
N GLU B 231 -3.71 -31.29 23.01
CA GLU B 231 -4.60 -30.55 23.90
C GLU B 231 -4.45 -29.04 23.68
N ALA B 232 -3.23 -28.60 23.43
CA ALA B 232 -2.97 -27.19 23.20
C ALA B 232 -3.74 -26.73 21.97
N LEU B 233 -3.75 -27.54 20.91
CA LEU B 233 -4.46 -27.15 19.70
C LEU B 233 -5.97 -27.23 19.78
N MET B 234 -6.49 -28.15 20.59
CA MET B 234 -7.94 -28.23 20.75
C MET B 234 -8.34 -26.86 21.30
N LEU B 235 -7.60 -26.42 22.31
CA LEU B 235 -7.88 -25.13 22.95
C LEU B 235 -7.59 -23.95 22.04
N GLN B 236 -6.52 -24.03 21.26
CA GLN B 236 -6.13 -22.97 20.33
C GLN B 236 -7.21 -22.74 19.26
N ARG B 237 -7.76 -23.81 18.71
CA ARG B 237 -8.80 -23.67 17.70
C ARG B 237 -9.98 -22.88 18.28
N LYS B 238 -10.30 -23.14 19.54
CA LYS B 238 -11.40 -22.45 20.22
C LYS B 238 -11.09 -20.97 20.46
N LEU B 239 -9.91 -20.67 20.98
CA LEU B 239 -9.52 -19.28 21.23
C LEU B 239 -9.34 -18.48 19.94
N TRP B 240 -9.01 -19.17 18.85
CA TRP B 240 -8.82 -18.47 17.58
C TRP B 240 -10.17 -17.98 17.06
N ARG B 241 -11.24 -18.73 17.31
CA ARG B 241 -12.56 -18.31 16.87
C ARG B 241 -12.87 -16.96 17.50
N VAL B 242 -12.35 -16.73 18.69
CA VAL B 242 -12.56 -15.47 19.37
C VAL B 242 -11.82 -14.35 18.62
N ASN B 243 -10.57 -14.62 18.26
CA ASN B 243 -9.76 -13.66 17.51
C ASN B 243 -10.46 -13.33 16.20
N GLU B 244 -10.93 -14.36 15.49
CA GLU B 244 -11.60 -14.18 14.22
C GLU B 244 -12.85 -13.29 14.32
N ALA B 245 -13.57 -13.39 15.43
CA ALA B 245 -14.77 -12.58 15.65
C ALA B 245 -14.44 -11.11 15.92
N PHE B 246 -13.38 -10.87 16.68
CA PHE B 246 -12.99 -9.50 17.01
C PHE B 246 -12.31 -8.80 15.84
N ALA B 247 -11.66 -9.58 15.00
CA ALA B 247 -10.93 -9.09 13.83
C ALA B 247 -11.65 -8.04 13.00
N LYS B 248 -12.98 -8.04 13.02
CA LYS B 248 -13.71 -7.05 12.22
C LYS B 248 -14.01 -5.78 12.99
N PHE B 249 -13.55 -5.70 14.23
CA PHE B 249 -13.79 -4.53 15.05
C PHE B 249 -12.53 -3.81 15.49
N ASN B 250 -12.72 -2.59 15.99
CA ASN B 250 -11.66 -1.78 16.55
C ASN B 250 -11.38 -2.63 17.81
N LEU B 251 -10.17 -3.19 17.92
CA LEU B 251 -9.87 -4.06 19.06
C LEU B 251 -10.17 -3.43 20.42
N ALA B 252 -9.73 -2.20 20.63
CA ALA B 252 -9.98 -1.52 21.90
C ALA B 252 -11.50 -1.46 22.15
N ALA B 253 -12.27 -1.12 21.13
CA ALA B 253 -13.71 -1.02 21.25
C ALA B 253 -14.30 -2.40 21.57
N CYS B 254 -13.70 -3.41 20.98
CA CYS B 254 -14.17 -4.77 21.19
C CYS B 254 -13.92 -5.28 22.61
N ILE B 255 -12.69 -5.12 23.09
CA ILE B 255 -12.35 -5.57 24.44
C ILE B 255 -13.10 -4.76 25.48
N LYS B 256 -13.26 -3.46 25.26
CA LYS B 256 -14.00 -2.64 26.20
C LYS B 256 -15.44 -3.12 26.29
N ALA B 257 -16.06 -3.42 25.15
CA ALA B 257 -17.43 -3.91 25.16
C ALA B 257 -17.46 -5.29 25.80
N GLY B 258 -16.40 -6.07 25.57
CA GLY B 258 -16.32 -7.40 26.14
C GLY B 258 -16.22 -7.37 27.66
N LEU B 259 -15.33 -6.52 28.16
CA LEU B 259 -15.17 -6.38 29.60
C LEU B 259 -16.44 -5.85 30.25
N ALA B 260 -17.14 -4.94 29.59
CA ALA B 260 -18.38 -4.41 30.14
C ALA B 260 -19.35 -5.57 30.35
N LEU B 261 -19.48 -6.43 29.35
CA LEU B 261 -20.37 -7.58 29.45
C LEU B 261 -19.99 -8.44 30.66
N GLN B 262 -18.72 -8.40 31.05
CA GLN B 262 -18.26 -9.21 32.18
C GLN B 262 -18.37 -8.46 33.51
N GLY B 263 -18.94 -7.27 33.49
CA GLY B 263 -19.11 -6.52 34.72
C GLY B 263 -18.12 -5.40 35.02
N TYR B 264 -17.23 -5.10 34.08
CA TYR B 264 -16.26 -4.02 34.29
C TYR B 264 -16.70 -2.74 33.62
N ASP B 265 -16.92 -1.71 34.41
CA ASP B 265 -17.37 -0.41 33.91
C ASP B 265 -16.16 0.35 33.37
N VAL B 266 -15.58 -0.17 32.30
CA VAL B 266 -14.40 0.42 31.68
C VAL B 266 -14.70 1.59 30.74
N GLY B 267 -15.97 1.78 30.39
CA GLY B 267 -16.33 2.87 29.51
C GLY B 267 -16.19 2.61 28.02
N ASP B 268 -16.27 3.67 27.24
CA ASP B 268 -16.18 3.54 25.79
C ASP B 268 -14.84 4.04 25.25
N PRO B 269 -14.53 3.69 23.99
CA PRO B 269 -13.26 4.15 23.43
C PRO B 269 -13.31 5.68 23.30
N ILE B 270 -12.15 6.30 23.19
CA ILE B 270 -12.05 7.75 23.07
C ILE B 270 -12.50 8.27 21.71
N PRO B 271 -13.54 9.12 21.68
CA PRO B 271 -14.03 9.66 20.40
C PRO B 271 -12.84 10.28 19.66
N PRO B 272 -12.90 10.36 18.32
CA PRO B 272 -13.98 9.92 17.41
C PRO B 272 -14.22 8.41 17.28
N GLN B 273 -13.53 7.60 18.06
CA GLN B 273 -13.76 6.16 18.00
C GLN B 273 -15.21 5.91 18.44
N ALA B 274 -15.86 4.91 17.86
CA ALA B 274 -17.23 4.59 18.24
C ALA B 274 -17.27 3.33 19.11
N ALA B 275 -18.21 3.26 20.04
CA ALA B 275 -18.33 2.06 20.87
C ALA B 275 -19.06 1.06 19.99
N LEU B 276 -18.98 -0.23 20.32
CA LEU B 276 -19.69 -1.21 19.50
C LEU B 276 -21.18 -0.94 19.66
N THR B 277 -21.94 -1.19 18.60
CA THR B 277 -23.38 -0.98 18.65
C THR B 277 -24.01 -2.16 19.37
N ALA B 278 -25.29 -2.02 19.73
CA ALA B 278 -26.01 -3.09 20.41
C ALA B 278 -25.90 -4.38 19.62
N GLU B 279 -26.05 -4.30 18.30
CA GLU B 279 -25.96 -5.48 17.46
C GLU B 279 -24.55 -6.06 17.48
N GLU B 280 -23.54 -5.20 17.55
CA GLU B 280 -22.16 -5.65 17.58
C GLU B 280 -21.83 -6.27 18.94
N ARG B 281 -22.44 -5.73 20.00
CA ARG B 281 -22.22 -6.24 21.34
C ARG B 281 -22.81 -7.65 21.51
N LYS B 282 -23.88 -7.94 20.77
CA LYS B 282 -24.49 -9.26 20.84
C LYS B 282 -23.53 -10.27 20.24
N ALA B 283 -22.87 -9.88 19.15
CA ALA B 283 -21.90 -10.75 18.49
C ALA B 283 -20.72 -11.04 19.42
N VAL B 284 -20.37 -10.06 20.26
CA VAL B 284 -19.26 -10.26 21.19
C VAL B 284 -19.74 -11.11 22.37
N GLU B 285 -20.96 -10.87 22.83
CA GLU B 285 -21.51 -11.64 23.93
C GLU B 285 -21.60 -13.10 23.51
N LYS B 286 -21.76 -13.31 22.21
CA LYS B 286 -21.86 -14.66 21.66
C LYS B 286 -20.57 -15.45 21.81
N VAL B 287 -19.45 -14.88 21.35
CA VAL B 287 -18.17 -15.57 21.45
C VAL B 287 -17.77 -15.82 22.89
N LEU B 288 -18.00 -14.83 23.75
CA LEU B 288 -17.67 -14.97 25.17
C LEU B 288 -18.38 -16.17 25.76
N ALA B 289 -19.68 -16.27 25.49
CA ALA B 289 -20.48 -17.38 25.99
C ALA B 289 -19.89 -18.73 25.57
N GLU B 290 -19.40 -18.80 24.34
CA GLU B 290 -18.84 -20.03 23.80
C GLU B 290 -17.52 -20.45 24.43
N ILE B 291 -16.74 -19.48 24.90
CA ILE B 291 -15.45 -19.79 25.52
C ILE B 291 -15.48 -19.71 27.03
N ALA B 292 -16.62 -19.31 27.61
CA ALA B 292 -16.74 -19.21 29.06
C ALA B 292 -16.58 -20.58 29.70
N GLU B 293 -15.78 -20.65 30.75
CA GLU B 293 -15.55 -21.92 31.42
C GLU B 293 -16.24 -21.96 32.77
N ASP C 4 3.81 14.72 -35.93
CA ASP C 4 4.05 14.30 -34.55
C ASP C 4 2.74 14.05 -33.81
N PHE C 5 2.72 13.00 -33.01
CA PHE C 5 1.52 12.65 -32.24
C PHE C 5 1.12 13.80 -31.34
N HIS C 6 -0.17 14.12 -31.37
CA HIS C 6 -0.71 15.21 -30.57
C HIS C 6 -2.23 15.07 -30.52
N GLY C 7 -2.87 15.93 -29.73
CA GLY C 7 -4.31 15.90 -29.64
C GLY C 7 -4.94 14.76 -28.89
N VAL C 8 -6.19 14.45 -29.26
CA VAL C 8 -6.98 13.41 -28.63
C VAL C 8 -6.87 12.04 -29.28
N PHE C 9 -6.37 11.07 -28.52
CA PHE C 9 -6.23 9.69 -28.96
C PHE C 9 -7.18 8.82 -28.15
N PRO C 10 -8.34 8.49 -28.72
CA PRO C 10 -9.28 7.66 -27.96
C PRO C 10 -8.71 6.28 -27.65
N TYR C 11 -8.87 5.84 -26.41
CA TYR C 11 -8.45 4.51 -25.99
C TYR C 11 -9.60 3.62 -26.46
N LEU C 12 -9.45 3.03 -27.63
CA LEU C 12 -10.50 2.18 -28.19
C LEU C 12 -10.84 0.96 -27.35
N VAL C 13 -12.14 0.68 -27.24
CA VAL C 13 -12.61 -0.49 -26.53
C VAL C 13 -12.44 -1.61 -27.54
N SER C 14 -12.33 -2.85 -27.07
CA SER C 14 -12.19 -3.98 -27.97
C SER C 14 -13.51 -4.74 -28.03
N PRO C 15 -14.25 -4.61 -29.15
CA PRO C 15 -15.53 -5.28 -29.33
C PRO C 15 -15.37 -6.77 -29.67
N VAL C 16 -15.98 -7.62 -28.87
CA VAL C 16 -15.91 -9.06 -29.10
C VAL C 16 -17.27 -9.66 -28.75
N ASP C 17 -17.54 -10.86 -29.26
CA ASP C 17 -18.80 -11.52 -28.96
C ASP C 17 -18.62 -12.32 -27.67
N ALA C 18 -19.69 -13.00 -27.25
CA ALA C 18 -19.65 -13.79 -26.03
C ALA C 18 -18.57 -14.88 -26.08
N GLU C 19 -18.13 -15.24 -27.28
CA GLU C 19 -17.12 -16.28 -27.43
C GLU C 19 -15.70 -15.75 -27.67
N GLY C 20 -15.50 -14.47 -27.39
CA GLY C 20 -14.18 -13.87 -27.56
C GLY C 20 -13.76 -13.46 -28.95
N ARG C 21 -14.62 -13.65 -29.94
CA ARG C 21 -14.27 -13.27 -31.31
C ARG C 21 -14.43 -11.77 -31.49
N VAL C 22 -13.37 -11.13 -31.99
CA VAL C 22 -13.37 -9.69 -32.23
C VAL C 22 -14.31 -9.32 -33.36
N ARG C 23 -15.11 -8.28 -33.15
CA ARG C 23 -16.04 -7.79 -34.15
C ARG C 23 -15.41 -6.66 -34.96
N ALA C 24 -14.68 -7.03 -36.00
CA ALA C 24 -13.99 -6.07 -36.85
C ALA C 24 -14.94 -5.01 -37.42
N ASP C 25 -16.09 -5.45 -37.91
CA ASP C 25 -17.07 -4.54 -38.49
C ASP C 25 -17.44 -3.45 -37.50
N VAL C 26 -17.69 -3.84 -36.24
CA VAL C 26 -18.05 -2.89 -35.20
C VAL C 26 -16.90 -1.92 -34.93
N MET C 27 -15.70 -2.45 -34.75
CA MET C 27 -14.53 -1.63 -34.49
C MET C 27 -14.34 -0.62 -35.61
N GLY C 28 -14.52 -1.09 -36.84
CA GLY C 28 -14.37 -0.22 -37.99
C GLY C 28 -15.33 0.95 -38.02
N ARG C 29 -16.60 0.69 -37.71
CA ARG C 29 -17.60 1.75 -37.70
C ARG C 29 -17.30 2.75 -36.61
N LEU C 30 -16.76 2.27 -35.50
CA LEU C 30 -16.42 3.14 -34.37
C LEU C 30 -15.22 4.02 -34.71
N CYS C 31 -14.18 3.41 -35.28
CA CYS C 31 -12.99 4.18 -35.65
C CYS C 31 -13.35 5.25 -36.67
N ASP C 32 -14.14 4.85 -37.67
CA ASP C 32 -14.56 5.77 -38.73
C ASP C 32 -15.23 7.00 -38.15
N ASP C 33 -16.22 6.79 -37.29
CA ASP C 33 -16.93 7.92 -36.70
C ASP C 33 -16.03 8.78 -35.82
N LEU C 34 -15.03 8.15 -35.18
CA LEU C 34 -14.11 8.88 -34.32
C LEU C 34 -13.29 9.83 -35.18
N ILE C 35 -12.70 9.28 -36.23
CA ILE C 35 -11.89 10.06 -37.16
C ILE C 35 -12.73 11.21 -37.71
N GLN C 36 -13.97 10.89 -38.08
CA GLN C 36 -14.88 11.89 -38.62
C GLN C 36 -15.17 12.95 -37.56
N ALA C 37 -15.17 12.55 -36.30
CA ALA C 37 -15.43 13.47 -35.19
C ALA C 37 -14.27 14.43 -34.98
N GLY C 38 -13.12 14.12 -35.59
CA GLY C 38 -11.97 14.99 -35.46
C GLY C 38 -10.82 14.54 -34.58
N VAL C 39 -10.91 13.36 -33.96
CA VAL C 39 -9.82 12.88 -33.11
C VAL C 39 -8.51 12.91 -33.90
N HIS C 40 -7.41 13.15 -33.21
CA HIS C 40 -6.11 13.24 -33.88
C HIS C 40 -5.35 11.92 -33.95
N GLY C 41 -5.93 10.86 -33.39
CA GLY C 41 -5.29 9.56 -33.42
C GLY C 41 -6.13 8.47 -32.77
N LEU C 42 -5.70 7.23 -32.95
CA LEU C 42 -6.41 6.08 -32.37
C LEU C 42 -5.42 5.17 -31.65
N THR C 43 -5.79 4.73 -30.45
CA THR C 43 -4.93 3.88 -29.65
C THR C 43 -5.61 2.58 -29.21
N PRO C 44 -5.44 1.50 -29.99
CA PRO C 44 -6.05 0.22 -29.64
C PRO C 44 -5.18 -0.50 -28.60
N LEU C 45 -5.79 -1.42 -27.87
CA LEU C 45 -5.10 -2.21 -26.85
C LEU C 45 -4.54 -1.43 -25.67
N GLY C 46 -5.26 -0.37 -25.29
CA GLY C 46 -4.87 0.43 -24.14
C GLY C 46 -5.63 -0.21 -22.98
N SER C 47 -5.49 0.32 -21.77
CA SER C 47 -6.20 -0.24 -20.64
C SER C 47 -7.69 -0.42 -20.93
N THR C 48 -8.32 0.63 -21.45
CA THR C 48 -9.75 0.59 -21.79
C THR C 48 -10.06 -0.45 -22.86
N GLY C 49 -9.05 -0.84 -23.62
CA GLY C 49 -9.22 -1.84 -24.66
C GLY C 49 -9.08 -3.26 -24.14
N GLU C 50 -9.05 -3.40 -22.82
CA GLU C 50 -8.93 -4.71 -22.17
C GLU C 50 -7.80 -5.56 -22.73
N PHE C 51 -6.64 -4.96 -22.95
CA PHE C 51 -5.51 -5.71 -23.47
C PHE C 51 -5.16 -6.84 -22.50
N ALA C 52 -5.37 -6.58 -21.22
CA ALA C 52 -5.06 -7.56 -20.18
C ALA C 52 -5.92 -8.83 -20.25
N TYR C 53 -7.05 -8.75 -20.93
CA TYR C 53 -7.98 -9.88 -21.05
C TYR C 53 -7.99 -10.49 -22.45
N LEU C 54 -7.12 -10.00 -23.32
CA LEU C 54 -7.05 -10.47 -24.69
C LEU C 54 -5.80 -11.30 -25.00
N GLY C 55 -6.00 -12.41 -25.71
CA GLY C 55 -4.90 -13.27 -26.08
C GLY C 55 -4.15 -12.73 -27.29
N THR C 56 -3.10 -13.43 -27.70
CA THR C 56 -2.29 -13.01 -28.85
C THR C 56 -3.10 -12.82 -30.13
N ALA C 57 -3.92 -13.80 -30.47
CA ALA C 57 -4.74 -13.74 -31.67
C ALA C 57 -5.76 -12.60 -31.61
N GLN C 58 -6.44 -12.46 -30.48
CA GLN C 58 -7.44 -11.40 -30.32
C GLN C 58 -6.81 -10.03 -30.46
N ARG C 59 -5.64 -9.85 -29.84
CA ARG C 59 -4.91 -8.59 -29.90
C ARG C 59 -4.59 -8.23 -31.35
N GLU C 60 -4.13 -9.21 -32.11
CA GLU C 60 -3.79 -8.99 -33.51
C GLU C 60 -5.03 -8.57 -34.29
N ALA C 61 -6.15 -9.20 -33.99
CA ALA C 61 -7.42 -8.89 -34.65
C ALA C 61 -7.80 -7.44 -34.37
N VAL C 62 -7.68 -7.03 -33.12
CA VAL C 62 -8.00 -5.67 -32.72
C VAL C 62 -7.13 -4.67 -33.48
N VAL C 63 -5.82 -4.89 -33.44
CA VAL C 63 -4.87 -4.00 -34.11
C VAL C 63 -5.13 -3.92 -35.61
N ARG C 64 -5.30 -5.09 -36.24
CA ARG C 64 -5.55 -5.17 -37.68
C ARG C 64 -6.86 -4.45 -38.04
N ALA C 65 -7.89 -4.68 -37.25
CA ALA C 65 -9.19 -4.06 -37.48
C ALA C 65 -9.14 -2.55 -37.34
N THR C 66 -8.25 -2.05 -36.49
CA THR C 66 -8.12 -0.62 -36.27
C THR C 66 -7.33 0.04 -37.40
N ILE C 67 -6.25 -0.60 -37.82
CA ILE C 67 -5.43 -0.07 -38.91
C ILE C 67 -6.17 -0.03 -40.23
N GLU C 68 -6.87 -1.11 -40.56
CA GLU C 68 -7.63 -1.19 -41.80
C GLU C 68 -8.71 -0.12 -41.85
N ALA C 69 -9.31 0.14 -40.70
CA ALA C 69 -10.39 1.14 -40.60
C ALA C 69 -9.85 2.57 -40.73
N ALA C 70 -8.73 2.84 -40.09
CA ALA C 70 -8.14 4.18 -40.12
C ALA C 70 -7.75 4.63 -41.52
N GLN C 71 -7.39 3.68 -42.38
CA GLN C 71 -6.99 3.99 -43.74
C GLN C 71 -5.98 5.14 -43.76
N ARG C 72 -5.07 5.12 -42.79
CA ARG C 72 -4.02 6.13 -42.67
C ARG C 72 -4.52 7.57 -42.49
N ARG C 73 -5.78 7.74 -42.11
CA ARG C 73 -6.33 9.09 -41.91
C ARG C 73 -5.71 9.74 -40.68
N VAL C 74 -5.47 8.94 -39.65
CA VAL C 74 -4.85 9.40 -38.41
C VAL C 74 -3.88 8.30 -37.95
N PRO C 75 -2.85 8.67 -37.18
CA PRO C 75 -1.89 7.66 -36.73
C PRO C 75 -2.48 6.67 -35.72
N VAL C 76 -2.11 5.40 -35.87
CA VAL C 76 -2.59 4.36 -34.98
C VAL C 76 -1.44 3.90 -34.08
N VAL C 77 -1.56 4.17 -32.79
CA VAL C 77 -0.57 3.78 -31.81
C VAL C 77 -1.09 2.53 -31.10
N ALA C 78 -0.43 1.39 -31.33
CA ALA C 78 -0.86 0.12 -30.75
C ALA C 78 -0.22 -0.22 -29.40
N GLY C 79 -1.06 -0.54 -28.43
CA GLY C 79 -0.56 -0.90 -27.13
C GLY C 79 0.15 -2.25 -27.12
N VAL C 80 1.36 -2.25 -26.58
CA VAL C 80 2.16 -3.47 -26.47
C VAL C 80 2.40 -3.72 -24.99
N ALA C 81 1.68 -4.69 -24.41
CA ALA C 81 1.84 -5.00 -23.00
C ALA C 81 2.37 -6.41 -22.78
N SER C 82 3.40 -6.53 -21.96
CA SER C 82 3.99 -7.84 -21.69
C SER C 82 4.85 -7.84 -20.43
N THR C 83 5.13 -9.05 -19.94
CA THR C 83 5.96 -9.22 -18.76
C THR C 83 7.37 -9.64 -19.22
N SER C 84 7.48 -10.10 -20.47
CA SER C 84 8.77 -10.52 -21.01
C SER C 84 9.19 -9.77 -22.27
N VAL C 85 10.50 -9.64 -22.45
CA VAL C 85 11.08 -8.97 -23.60
C VAL C 85 10.71 -9.68 -24.91
N ALA C 86 10.85 -11.01 -24.91
CA ALA C 86 10.55 -11.81 -26.09
C ALA C 86 9.13 -11.57 -26.60
N ASP C 87 8.15 -11.61 -25.71
CA ASP C 87 6.77 -11.40 -26.10
C ASP C 87 6.48 -9.97 -26.55
N ALA C 88 7.08 -9.00 -25.85
CA ALA C 88 6.88 -7.59 -26.19
C ALA C 88 7.47 -7.27 -27.56
N VAL C 89 8.67 -7.79 -27.81
CA VAL C 89 9.34 -7.57 -29.09
C VAL C 89 8.52 -8.19 -30.23
N ALA C 90 8.01 -9.39 -30.01
CA ALA C 90 7.22 -10.07 -31.03
C ALA C 90 5.99 -9.23 -31.35
N GLN C 91 5.28 -8.78 -30.31
CA GLN C 91 4.09 -7.96 -30.48
C GLN C 91 4.41 -6.70 -31.28
N ALA C 92 5.40 -5.94 -30.82
CA ALA C 92 5.80 -4.71 -31.46
C ALA C 92 6.12 -4.92 -32.94
N LYS C 93 6.94 -5.92 -33.25
CA LYS C 93 7.30 -6.21 -34.63
C LYS C 93 6.06 -6.54 -35.45
N LEU C 94 5.13 -7.29 -34.86
CA LEU C 94 3.90 -7.67 -35.55
C LEU C 94 3.02 -6.47 -35.84
N TYR C 95 2.78 -5.62 -34.84
CA TYR C 95 1.94 -4.45 -35.03
C TYR C 95 2.55 -3.49 -36.04
N GLU C 96 3.87 -3.30 -35.99
CA GLU C 96 4.53 -2.42 -36.94
C GLU C 96 4.30 -2.99 -38.34
N LYS C 97 4.47 -4.30 -38.45
CA LYS C 97 4.29 -5.01 -39.71
C LYS C 97 2.88 -4.84 -40.25
N LEU C 98 1.89 -4.80 -39.36
CA LEU C 98 0.50 -4.64 -39.75
C LEU C 98 0.19 -3.23 -40.25
N GLY C 99 1.07 -2.28 -39.94
CA GLY C 99 0.87 -0.92 -40.38
C GLY C 99 0.69 0.11 -39.27
N ALA C 100 1.01 -0.25 -38.03
CA ALA C 100 0.88 0.69 -36.92
C ALA C 100 1.84 1.84 -37.10
N ASP C 101 1.48 3.01 -36.57
CA ASP C 101 2.32 4.21 -36.68
C ASP C 101 3.15 4.46 -35.42
N GLY C 102 2.82 3.76 -34.36
CA GLY C 102 3.55 3.92 -33.12
C GLY C 102 3.25 2.78 -32.15
N ILE C 103 4.10 2.65 -31.13
CA ILE C 103 3.92 1.60 -30.14
C ILE C 103 3.80 2.21 -28.76
N LEU C 104 2.80 1.78 -28.01
CA LEU C 104 2.60 2.26 -26.64
C LEU C 104 3.15 1.12 -25.79
N ALA C 105 4.41 1.24 -25.40
CA ALA C 105 5.08 0.22 -24.60
C ALA C 105 4.62 0.21 -23.15
N ILE C 106 4.04 -0.92 -22.74
CA ILE C 106 3.55 -1.11 -21.40
C ILE C 106 4.27 -2.27 -20.72
N LEU C 107 4.98 -1.97 -19.63
CA LEU C 107 5.68 -3.00 -18.88
C LEU C 107 4.84 -3.57 -17.76
N GLU C 108 4.58 -4.88 -17.85
CA GLU C 108 3.82 -5.56 -16.82
C GLU C 108 4.87 -6.31 -16.04
N ALA C 109 4.73 -6.36 -14.74
CA ALA C 109 5.71 -7.05 -13.93
C ALA C 109 5.09 -8.02 -12.96
N TYR C 110 5.88 -9.01 -12.55
CA TYR C 110 5.47 -10.00 -11.57
C TYR C 110 6.48 -9.84 -10.45
N PHE C 111 7.69 -10.32 -10.68
CA PHE C 111 8.76 -10.17 -9.69
C PHE C 111 9.30 -8.74 -9.86
N PRO C 112 9.77 -8.13 -8.76
CA PRO C 112 10.30 -6.77 -8.85
C PRO C 112 11.49 -6.70 -9.80
N LEU C 113 11.67 -5.54 -10.44
CA LEU C 113 12.77 -5.35 -11.38
C LEU C 113 13.55 -4.09 -11.03
N LYS C 114 14.88 -4.17 -11.09
CA LYS C 114 15.71 -3.01 -10.82
C LYS C 114 15.67 -2.10 -12.04
N ASP C 115 16.04 -0.83 -11.87
CA ASP C 115 16.01 0.12 -12.97
C ASP C 115 16.70 -0.36 -14.25
N ALA C 116 17.87 -0.97 -14.10
CA ALA C 116 18.61 -1.46 -15.26
C ALA C 116 17.78 -2.44 -16.08
N GLN C 117 16.98 -3.28 -15.41
CA GLN C 117 16.15 -4.24 -16.11
C GLN C 117 14.91 -3.60 -16.74
N ILE C 118 14.31 -2.65 -16.03
CA ILE C 118 13.14 -1.95 -16.54
C ILE C 118 13.51 -1.24 -17.83
N GLU C 119 14.69 -0.61 -17.82
CA GLU C 119 15.20 0.14 -18.95
C GLU C 119 15.47 -0.79 -20.14
N SER C 120 15.99 -1.98 -19.85
CA SER C 120 16.30 -2.95 -20.91
C SER C 120 15.03 -3.39 -21.64
N TYR C 121 13.92 -3.43 -20.92
CA TYR C 121 12.65 -3.83 -21.51
C TYR C 121 12.23 -2.83 -22.59
N PHE C 122 12.14 -1.56 -22.20
CA PHE C 122 11.75 -0.51 -23.12
C PHE C 122 12.72 -0.35 -24.29
N ARG C 123 14.03 -0.44 -24.02
CA ARG C 123 15.02 -0.31 -25.09
C ARG C 123 14.90 -1.44 -26.12
N ALA C 124 14.62 -2.65 -25.65
CA ALA C 124 14.48 -3.79 -26.53
C ALA C 124 13.35 -3.55 -27.52
N ILE C 125 12.23 -3.04 -27.02
CA ILE C 125 11.07 -2.75 -27.87
C ILE C 125 11.46 -1.70 -28.90
N ALA C 126 12.07 -0.63 -28.41
CA ALA C 126 12.51 0.49 -29.25
C ALA C 126 13.53 0.04 -30.30
N ASP C 127 14.31 -0.99 -29.97
CA ASP C 127 15.31 -1.53 -30.87
C ASP C 127 14.72 -2.52 -31.86
N ALA C 128 13.48 -2.94 -31.60
CA ALA C 128 12.81 -3.91 -32.46
C ALA C 128 11.98 -3.31 -33.60
N VAL C 129 11.69 -2.02 -33.52
CA VAL C 129 10.89 -1.39 -34.57
C VAL C 129 11.51 -0.07 -35.04
N GLU C 130 11.01 0.44 -36.16
CA GLU C 130 11.50 1.69 -36.70
C GLU C 130 10.52 2.83 -36.40
N ILE C 131 9.30 2.47 -35.99
CA ILE C 131 8.30 3.47 -35.67
C ILE C 131 8.52 4.00 -34.25
N PRO C 132 8.01 5.20 -33.95
CA PRO C 132 8.13 5.84 -32.62
C PRO C 132 7.54 5.02 -31.47
N VAL C 133 8.18 5.13 -30.31
CA VAL C 133 7.74 4.43 -29.11
C VAL C 133 7.25 5.42 -28.05
N VAL C 134 6.09 5.13 -27.48
CA VAL C 134 5.50 5.95 -26.43
C VAL C 134 5.61 5.15 -25.13
N ILE C 135 6.35 5.68 -24.17
CA ILE C 135 6.53 5.01 -22.88
C ILE C 135 5.28 5.16 -22.01
N TYR C 136 4.76 4.04 -21.51
CA TYR C 136 3.58 4.08 -20.66
C TYR C 136 4.01 4.03 -19.20
N THR C 137 3.40 4.85 -18.36
CA THR C 137 3.74 4.89 -16.95
C THR C 137 2.55 5.23 -16.02
N ASN C 138 2.53 4.56 -14.88
CA ASN C 138 1.52 4.80 -13.85
C ASN C 138 1.98 4.14 -12.56
N PRO C 139 2.81 4.85 -11.79
CA PRO C 139 3.38 4.42 -10.51
C PRO C 139 2.32 4.00 -9.49
N GLN C 140 1.10 4.50 -9.66
CA GLN C 140 0.01 4.22 -8.75
C GLN C 140 -0.69 2.88 -8.95
N PHE C 141 -0.36 2.17 -10.04
CA PHE C 141 -1.00 0.88 -10.32
C PHE C 141 0.01 -0.20 -10.71
N GLN C 142 0.98 0.19 -11.52
CA GLN C 142 2.01 -0.74 -12.00
C GLN C 142 2.92 -1.26 -10.87
N ARG C 143 3.28 -2.54 -10.92
CA ARG C 143 4.16 -3.12 -9.91
C ARG C 143 5.61 -2.65 -10.09
N SER C 144 6.00 -2.40 -11.33
CA SER C 144 7.34 -1.94 -11.67
C SER C 144 7.23 -0.73 -12.57
N ASP C 145 7.59 0.44 -12.06
CA ASP C 145 7.50 1.63 -12.89
C ASP C 145 8.81 2.40 -13.07
N LEU C 146 8.73 3.58 -13.69
CA LEU C 146 9.92 4.35 -13.97
C LEU C 146 10.17 5.62 -13.16
N THR C 147 11.41 5.78 -12.69
CA THR C 147 11.81 6.96 -11.94
C THR C 147 12.14 8.01 -13.01
N LEU C 148 12.32 9.26 -12.59
CA LEU C 148 12.66 10.31 -13.54
C LEU C 148 13.99 10.03 -14.21
N ASP C 149 14.93 9.48 -13.43
CA ASP C 149 16.25 9.16 -13.98
C ASP C 149 16.12 8.15 -15.11
N VAL C 150 15.39 7.08 -14.87
CA VAL C 150 15.18 6.06 -15.89
C VAL C 150 14.50 6.66 -17.12
N ILE C 151 13.49 7.48 -16.88
CA ILE C 151 12.77 8.13 -17.98
C ILE C 151 13.74 8.98 -18.80
N ALA C 152 14.57 9.76 -18.12
CA ALA C 152 15.53 10.63 -18.80
C ALA C 152 16.47 9.76 -19.65
N ARG C 153 16.93 8.66 -19.09
CA ARG C 153 17.83 7.78 -19.84
C ARG C 153 17.15 7.22 -21.08
N LEU C 154 15.90 6.77 -20.94
CA LEU C 154 15.17 6.21 -22.07
C LEU C 154 14.93 7.25 -23.15
N ALA C 155 14.70 8.50 -22.74
CA ALA C 155 14.48 9.58 -23.70
C ALA C 155 15.67 9.73 -24.65
N GLU C 156 16.84 9.23 -24.24
CA GLU C 156 18.02 9.34 -25.10
C GLU C 156 17.94 8.42 -26.31
N HIS C 157 17.04 7.43 -26.26
CA HIS C 157 16.89 6.51 -27.38
C HIS C 157 16.24 7.22 -28.57
N PRO C 158 16.90 7.17 -29.74
CA PRO C 158 16.36 7.83 -30.93
C PRO C 158 14.88 7.63 -31.26
N ARG C 159 14.32 6.48 -30.90
CA ARG C 159 12.91 6.22 -31.21
C ARG C 159 11.93 6.31 -30.03
N ILE C 160 12.42 6.56 -28.83
CA ILE C 160 11.54 6.72 -27.68
C ILE C 160 11.35 8.24 -27.64
N ARG C 161 10.21 8.70 -28.13
CA ARG C 161 9.95 10.11 -28.25
C ARG C 161 8.75 10.67 -27.49
N TYR C 162 8.00 9.81 -26.83
CA TYR C 162 6.82 10.23 -26.08
C TYR C 162 6.65 9.41 -24.80
N ILE C 163 5.86 9.93 -23.87
CA ILE C 163 5.55 9.24 -22.64
C ILE C 163 4.11 9.57 -22.27
N LYS C 164 3.38 8.56 -21.80
CA LYS C 164 1.98 8.73 -21.42
C LYS C 164 1.83 8.28 -19.98
N ASP C 165 1.42 9.20 -19.12
CA ASP C 165 1.26 8.93 -17.69
C ASP C 165 -0.23 8.83 -17.34
N ALA C 166 -0.62 7.72 -16.72
CA ALA C 166 -2.02 7.51 -16.37
C ALA C 166 -2.30 7.67 -14.87
N SER C 167 -1.31 8.10 -14.10
CA SER C 167 -1.51 8.31 -12.67
C SER C 167 -2.27 9.63 -12.51
N THR C 168 -2.48 10.06 -11.27
CA THR C 168 -3.18 11.32 -11.02
C THR C 168 -2.15 12.41 -10.70
N ASN C 169 -0.88 12.01 -10.64
CA ASN C 169 0.21 12.90 -10.29
C ASN C 169 0.66 13.83 -11.41
N THR C 170 -0.10 14.90 -11.62
CA THR C 170 0.22 15.85 -12.68
C THR C 170 1.56 16.54 -12.41
N GLY C 171 1.91 16.70 -11.15
CA GLY C 171 3.17 17.34 -10.82
C GLY C 171 4.33 16.64 -11.49
N ARG C 172 4.27 15.30 -11.57
CA ARG C 172 5.38 14.59 -12.18
C ARG C 172 5.48 14.83 -13.68
N LEU C 173 4.38 15.21 -14.32
CA LEU C 173 4.44 15.49 -15.76
C LEU C 173 5.34 16.71 -15.97
N LEU C 174 5.23 17.69 -15.07
CA LEU C 174 6.04 18.89 -15.18
C LEU C 174 7.49 18.56 -14.90
N SER C 175 7.73 17.67 -13.93
CA SER C 175 9.10 17.27 -13.62
C SER C 175 9.69 16.62 -14.87
N ILE C 176 8.88 15.83 -15.58
CA ILE C 176 9.35 15.18 -16.81
C ILE C 176 9.66 16.22 -17.89
N ILE C 177 8.73 17.14 -18.11
CA ILE C 177 8.90 18.18 -19.12
C ILE C 177 10.16 19.03 -18.85
N ASN C 178 10.39 19.39 -17.59
CA ASN C 178 11.56 20.18 -17.24
C ASN C 178 12.85 19.41 -17.54
N ARG C 179 12.84 18.12 -17.29
CA ARG C 179 14.03 17.29 -17.50
C ARG C 179 14.30 16.87 -18.94
N CYS C 180 13.26 16.50 -19.67
CA CYS C 180 13.44 16.02 -21.03
C CYS C 180 13.06 16.98 -22.14
N GLY C 181 12.09 17.85 -21.89
CA GLY C 181 11.67 18.79 -22.89
C GLY C 181 11.19 18.14 -24.18
N ASP C 182 11.63 18.69 -25.30
CA ASP C 182 11.28 18.21 -26.64
C ASP C 182 11.57 16.74 -26.87
N ALA C 183 12.58 16.21 -26.17
CA ALA C 183 12.97 14.81 -26.30
C ALA C 183 11.85 13.82 -25.96
N LEU C 184 10.96 14.23 -25.07
CA LEU C 184 9.85 13.38 -24.65
C LEU C 184 8.55 14.17 -24.54
N GLN C 185 7.75 14.17 -25.60
CA GLN C 185 6.49 14.89 -25.58
C GLN C 185 5.52 14.09 -24.70
N VAL C 186 4.82 14.81 -23.83
CA VAL C 186 3.90 14.19 -22.88
C VAL C 186 2.42 14.12 -23.20
N PHE C 187 1.87 12.93 -22.95
CA PHE C 187 0.45 12.63 -23.13
C PHE C 187 -0.08 12.24 -21.76
N SER C 188 -1.31 12.64 -21.45
CA SER C 188 -1.90 12.27 -20.18
C SER C 188 -3.09 11.35 -20.39
N ALA C 189 -3.80 11.02 -19.32
CA ALA C 189 -4.96 10.16 -19.39
C ALA C 189 -6.05 10.77 -18.51
N SER C 190 -7.19 10.08 -18.42
CA SER C 190 -8.34 10.52 -17.64
C SER C 190 -8.04 10.99 -16.23
N ALA C 191 -7.05 10.37 -15.58
CA ALA C 191 -6.69 10.72 -14.21
C ALA C 191 -6.16 12.15 -14.08
N HIS C 192 -5.67 12.71 -15.18
CA HIS C 192 -5.15 14.09 -15.20
C HIS C 192 -6.19 15.01 -15.81
N ILE C 193 -6.22 16.26 -15.36
CA ILE C 193 -7.14 17.26 -15.90
C ILE C 193 -6.52 17.73 -17.22
N PRO C 194 -7.17 17.43 -18.37
CA PRO C 194 -6.63 17.84 -19.66
C PRO C 194 -6.18 19.32 -19.75
N ALA C 195 -7.02 20.23 -19.29
CA ALA C 195 -6.66 21.65 -19.35
C ALA C 195 -5.33 21.92 -18.65
N ALA C 196 -5.14 21.33 -17.48
CA ALA C 196 -3.91 21.53 -16.70
C ALA C 196 -2.69 20.95 -17.41
N VAL C 197 -2.85 19.78 -18.01
CA VAL C 197 -1.76 19.14 -18.74
C VAL C 197 -1.34 20.03 -19.91
N MET C 198 -2.31 20.56 -20.66
CA MET C 198 -1.97 21.42 -21.78
C MET C 198 -1.32 22.71 -21.29
N LEU C 199 -1.79 23.24 -20.16
CA LEU C 199 -1.21 24.46 -19.60
C LEU C 199 0.27 24.29 -19.25
N ILE C 200 0.62 23.10 -18.74
CA ILE C 200 2.01 22.87 -18.33
C ILE C 200 2.94 22.36 -19.42
N GLY C 201 2.45 22.20 -20.65
CA GLY C 201 3.32 21.75 -21.71
C GLY C 201 3.04 20.41 -22.35
N GLY C 202 1.94 19.77 -22.02
CA GLY C 202 1.63 18.50 -22.63
C GLY C 202 1.22 18.68 -24.08
N VAL C 203 1.18 17.60 -24.86
CA VAL C 203 0.81 17.70 -26.26
C VAL C 203 -0.54 17.06 -26.56
N GLY C 204 -1.13 16.41 -25.55
CA GLY C 204 -2.42 15.77 -25.74
C GLY C 204 -2.73 14.70 -24.71
N TRP C 205 -3.73 13.88 -25.00
CA TRP C 205 -4.08 12.80 -24.08
C TRP C 205 -4.69 11.59 -24.78
N MET C 206 -4.50 10.42 -24.17
CA MET C 206 -5.04 9.16 -24.67
C MET C 206 -5.95 8.67 -23.55
N ALA C 207 -7.25 8.62 -23.81
CA ALA C 207 -8.19 8.19 -22.77
C ALA C 207 -9.42 7.46 -23.31
N GLY C 208 -10.05 6.67 -22.45
CA GLY C 208 -11.23 5.94 -22.82
C GLY C 208 -12.45 6.83 -23.05
N PRO C 209 -12.70 7.80 -22.16
CA PRO C 209 -13.85 8.69 -22.30
C PRO C 209 -13.95 9.41 -23.65
N ALA C 210 -12.82 9.57 -24.34
CA ALA C 210 -12.83 10.23 -25.63
C ALA C 210 -13.65 9.43 -26.64
N CYS C 211 -13.92 8.17 -26.31
CA CYS C 211 -14.72 7.29 -27.18
C CYS C 211 -16.18 7.72 -27.23
N ILE C 212 -16.71 8.15 -26.08
CA ILE C 212 -18.11 8.56 -26.01
C ILE C 212 -18.34 10.07 -26.12
N ALA C 213 -17.26 10.85 -26.12
CA ALA C 213 -17.38 12.30 -26.23
C ALA C 213 -16.22 12.89 -27.04
N PRO C 214 -16.00 12.38 -28.26
CA PRO C 214 -14.93 12.81 -29.16
C PRO C 214 -14.97 14.27 -29.60
N ARG C 215 -16.11 14.72 -30.09
CA ARG C 215 -16.23 16.10 -30.54
C ARG C 215 -15.96 17.09 -29.40
N GLN C 216 -16.44 16.78 -28.21
CA GLN C 216 -16.21 17.66 -27.08
C GLN C 216 -14.74 17.62 -26.67
N SER C 217 -14.17 16.41 -26.63
CA SER C 217 -12.77 16.23 -26.27
C SER C 217 -11.86 17.00 -27.23
N VAL C 218 -12.17 16.93 -28.52
CA VAL C 218 -11.39 17.62 -29.54
C VAL C 218 -11.52 19.13 -29.36
N ALA C 219 -12.73 19.58 -29.06
CA ALA C 219 -13.02 20.99 -28.85
C ALA C 219 -12.19 21.50 -27.67
N LEU C 220 -12.18 20.73 -26.58
CA LEU C 220 -11.41 21.11 -25.40
C LEU C 220 -9.94 21.31 -25.78
N TYR C 221 -9.42 20.37 -26.55
CA TYR C 221 -8.02 20.42 -26.99
C TYR C 221 -7.71 21.71 -27.75
N GLU C 222 -8.51 21.98 -28.78
CA GLU C 222 -8.33 23.18 -29.62
C GLU C 222 -8.39 24.45 -28.78
N LEU C 223 -9.33 24.51 -27.84
CA LEU C 223 -9.46 25.68 -26.97
C LEU C 223 -8.18 25.93 -26.18
N CYS C 224 -7.62 24.86 -25.60
CA CYS C 224 -6.38 24.97 -24.84
C CYS C 224 -5.25 25.44 -25.75
N LYS C 225 -5.11 24.80 -26.91
CA LYS C 225 -4.06 25.15 -27.86
C LYS C 225 -4.21 26.61 -28.30
N ALA C 226 -5.45 27.09 -28.36
CA ALA C 226 -5.72 28.47 -28.76
C ALA C 226 -5.58 29.41 -27.57
N GLN C 227 -5.24 28.85 -26.42
CA GLN C 227 -5.07 29.63 -25.20
C GLN C 227 -6.31 30.39 -24.77
N ARG C 228 -7.48 29.87 -25.12
CA ARG C 228 -8.75 30.49 -24.73
C ARG C 228 -9.11 29.75 -23.44
N TRP C 229 -8.36 30.06 -22.38
CA TRP C 229 -8.52 29.40 -21.09
C TRP C 229 -9.87 29.52 -20.39
N ASP C 230 -10.55 30.66 -20.53
CA ASP C 230 -11.86 30.83 -19.90
C ASP C 230 -12.86 29.84 -20.50
N GLU C 231 -12.93 29.78 -21.83
CA GLU C 231 -13.85 28.87 -22.52
C GLU C 231 -13.46 27.41 -22.28
N ALA C 232 -12.16 27.15 -22.31
CA ALA C 232 -11.64 25.80 -22.12
C ALA C 232 -12.02 25.27 -20.74
N LEU C 233 -11.92 26.11 -19.72
CA LEU C 233 -12.24 25.70 -18.36
C LEU C 233 -13.74 25.46 -18.18
N MET C 234 -14.57 26.27 -18.84
CA MET C 234 -16.01 26.06 -18.75
C MET C 234 -16.32 24.69 -19.33
N LEU C 235 -15.67 24.34 -20.44
CA LEU C 235 -15.89 23.05 -21.09
C LEU C 235 -15.27 21.91 -20.26
N GLN C 236 -14.11 22.18 -19.67
CA GLN C 236 -13.41 21.18 -18.85
C GLN C 236 -14.23 20.72 -17.65
N ARG C 237 -14.89 21.67 -16.97
CA ARG C 237 -15.72 21.36 -15.81
C ARG C 237 -16.82 20.35 -16.16
N LYS C 238 -17.41 20.50 -17.34
CA LYS C 238 -18.46 19.58 -17.80
C LYS C 238 -17.90 18.20 -18.09
N LEU C 239 -16.86 18.15 -18.93
CA LEU C 239 -16.26 16.87 -19.28
C LEU C 239 -15.68 16.17 -18.07
N TRP C 240 -15.36 16.92 -17.02
CA TRP C 240 -14.81 16.30 -15.83
C TRP C 240 -15.89 15.57 -15.06
N ARG C 241 -17.15 15.99 -15.21
CA ARG C 241 -18.25 15.30 -14.53
C ARG C 241 -18.26 13.85 -15.00
N VAL C 242 -17.76 13.63 -16.22
CA VAL C 242 -17.71 12.29 -16.79
C VAL C 242 -16.68 11.46 -16.03
N ASN C 243 -15.50 12.03 -15.83
CA ASN C 243 -14.43 11.34 -15.11
C ASN C 243 -14.91 10.96 -13.73
N GLU C 244 -15.69 11.84 -13.12
CA GLU C 244 -16.20 11.62 -11.78
C GLU C 244 -17.24 10.50 -11.71
N ALA C 245 -18.15 10.50 -12.67
CA ALA C 245 -19.22 9.50 -12.72
C ALA C 245 -18.73 8.06 -12.84
N PHE C 246 -17.68 7.82 -13.63
CA PHE C 246 -17.16 6.47 -13.78
C PHE C 246 -16.21 6.06 -12.67
N ALA C 247 -15.71 7.05 -11.93
CA ALA C 247 -14.77 6.81 -10.84
C ALA C 247 -15.01 5.53 -10.03
N LYS C 248 -16.27 5.12 -9.90
CA LYS C 248 -16.58 3.93 -9.12
C LYS C 248 -16.78 2.65 -9.94
N PHE C 249 -16.63 2.74 -11.27
CA PHE C 249 -16.82 1.56 -12.13
C PHE C 249 -15.58 1.14 -12.92
N ASN C 250 -15.72 0.00 -13.59
CA ASN C 250 -14.69 -0.56 -14.46
C ASN C 250 -14.78 0.38 -15.67
N LEU C 251 -13.69 1.05 -16.02
CA LEU C 251 -13.71 1.99 -17.15
C LEU C 251 -14.07 1.34 -18.48
N ALA C 252 -13.58 0.13 -18.70
CA ALA C 252 -13.87 -0.58 -19.94
C ALA C 252 -15.36 -0.88 -20.00
N ALA C 253 -15.95 -1.21 -18.85
CA ALA C 253 -17.37 -1.51 -18.77
C ALA C 253 -18.22 -0.26 -18.98
N CYS C 254 -17.73 0.88 -18.52
CA CYS C 254 -18.45 2.14 -18.68
C CYS C 254 -18.46 2.56 -20.12
N ILE C 255 -17.28 2.59 -20.73
CA ILE C 255 -17.15 2.99 -22.12
C ILE C 255 -17.93 2.06 -23.03
N LYS C 256 -17.88 0.76 -22.77
CA LYS C 256 -18.65 -0.17 -23.59
C LYS C 256 -20.15 0.07 -23.41
N ALA C 257 -20.57 0.31 -22.17
CA ALA C 257 -21.98 0.58 -21.91
C ALA C 257 -22.36 1.88 -22.60
N GLY C 258 -21.52 2.90 -22.45
CA GLY C 258 -21.77 4.19 -23.06
C GLY C 258 -21.87 4.11 -24.58
N LEU C 259 -20.99 3.35 -25.21
CA LEU C 259 -21.00 3.21 -26.65
C LEU C 259 -22.25 2.45 -27.12
N ALA C 260 -22.66 1.46 -26.34
CA ALA C 260 -23.83 0.66 -26.66
C ALA C 260 -25.05 1.58 -26.69
N LEU C 261 -25.13 2.48 -25.71
CA LEU C 261 -26.23 3.43 -25.63
C LEU C 261 -26.22 4.36 -26.85
N GLN C 262 -25.05 4.54 -27.45
CA GLN C 262 -24.91 5.41 -28.61
C GLN C 262 -25.07 4.65 -29.93
N GLY C 263 -25.48 3.38 -29.84
CA GLY C 263 -25.70 2.60 -31.05
C GLY C 263 -24.64 1.62 -31.53
N TYR C 264 -23.56 1.45 -30.78
CA TYR C 264 -22.50 0.51 -31.19
C TYR C 264 -22.64 -0.82 -30.47
N ASP C 265 -22.75 -1.89 -31.25
CA ASP C 265 -22.89 -3.23 -30.69
C ASP C 265 -21.50 -3.73 -30.32
N VAL C 266 -20.89 -3.11 -29.33
CA VAL C 266 -19.54 -3.47 -28.90
C VAL C 266 -19.52 -4.65 -27.94
N GLY C 267 -20.67 -5.00 -27.39
CA GLY C 267 -20.72 -6.14 -26.47
C GLY C 267 -20.31 -5.83 -25.05
N ASP C 268 -20.05 -6.87 -24.27
CA ASP C 268 -19.68 -6.73 -22.88
C ASP C 268 -18.19 -6.99 -22.62
N PRO C 269 -17.72 -6.63 -21.41
CA PRO C 269 -16.31 -6.86 -21.10
C PRO C 269 -16.09 -8.36 -20.96
N ILE C 270 -14.84 -8.79 -21.08
CA ILE C 270 -14.49 -10.20 -20.98
C ILE C 270 -14.61 -10.71 -19.55
N PRO C 271 -15.39 -11.78 -19.34
CA PRO C 271 -15.54 -12.35 -17.99
C PRO C 271 -14.15 -12.73 -17.46
N PRO C 272 -13.94 -12.72 -16.13
CA PRO C 272 -14.83 -12.43 -15.00
C PRO C 272 -15.39 -11.01 -14.87
N GLN C 273 -14.91 -10.07 -15.67
CA GLN C 273 -15.44 -8.70 -15.57
C GLN C 273 -16.94 -8.76 -15.84
N ALA C 274 -17.70 -7.92 -15.15
CA ALA C 274 -19.14 -7.89 -15.35
C ALA C 274 -19.54 -6.62 -16.09
N ALA C 275 -20.56 -6.71 -16.93
CA ALA C 275 -21.05 -5.55 -17.66
C ALA C 275 -21.81 -4.72 -16.63
N LEU C 276 -22.06 -3.44 -16.92
CA LEU C 276 -22.80 -2.61 -15.98
C LEU C 276 -24.24 -3.10 -15.86
N THR C 277 -24.77 -3.05 -14.64
CA THR C 277 -26.16 -3.44 -14.41
C THR C 277 -27.04 -2.34 -14.99
N ALA C 278 -28.36 -2.49 -14.86
CA ALA C 278 -29.27 -1.47 -15.38
C ALA C 278 -29.15 -0.19 -14.56
N GLU C 279 -29.13 -0.35 -13.24
CA GLU C 279 -29.01 0.80 -12.35
C GLU C 279 -27.75 1.60 -12.67
N GLU C 280 -26.69 0.89 -13.09
CA GLU C 280 -25.42 1.53 -13.42
C GLU C 280 -25.41 2.15 -14.82
N ARG C 281 -26.17 1.57 -15.74
CA ARG C 281 -26.25 2.10 -17.09
C ARG C 281 -27.08 3.38 -17.12
N LYS C 282 -28.11 3.44 -16.27
CA LYS C 282 -28.94 4.63 -16.20
C LYS C 282 -28.02 5.78 -15.83
N ALA C 283 -27.10 5.51 -14.91
CA ALA C 283 -26.13 6.50 -14.46
C ALA C 283 -25.31 6.98 -15.67
N VAL C 284 -24.86 6.03 -16.49
CA VAL C 284 -24.09 6.39 -17.67
C VAL C 284 -24.96 7.20 -18.61
N GLU C 285 -26.26 6.91 -18.63
CA GLU C 285 -27.18 7.63 -19.49
C GLU C 285 -27.24 9.10 -19.13
N LYS C 286 -27.30 9.38 -17.83
CA LYS C 286 -27.37 10.74 -17.34
C LYS C 286 -26.14 11.58 -17.68
N VAL C 287 -24.94 11.02 -17.47
CA VAL C 287 -23.72 11.77 -17.76
C VAL C 287 -23.60 12.06 -19.24
N LEU C 288 -24.09 11.15 -20.08
CA LEU C 288 -24.03 11.35 -21.51
C LEU C 288 -25.02 12.44 -21.92
N ALA C 289 -26.11 12.56 -21.16
CA ALA C 289 -27.13 13.55 -21.45
C ALA C 289 -26.64 14.93 -21.03
N GLU C 290 -25.97 14.98 -19.88
CA GLU C 290 -25.45 16.25 -19.38
C GLU C 290 -24.60 16.96 -20.43
N ILE C 291 -24.06 16.20 -21.39
CA ILE C 291 -23.25 16.78 -22.45
C ILE C 291 -23.26 15.92 -23.70
N ASP D 4 -11.42 37.05 2.83
CA ASP D 4 -11.24 35.60 2.78
C ASP D 4 -9.78 35.21 2.55
N PHE D 5 -9.39 34.05 3.08
CA PHE D 5 -8.03 33.56 2.92
C PHE D 5 -7.75 33.30 1.45
N HIS D 6 -6.55 33.65 1.01
CA HIS D 6 -6.16 33.47 -0.39
C HIS D 6 -4.67 33.65 -0.51
N GLY D 7 -4.13 33.36 -1.69
CA GLY D 7 -2.72 33.55 -1.92
C GLY D 7 -1.76 32.56 -1.29
N VAL D 8 -0.58 33.07 -0.92
CA VAL D 8 0.47 32.23 -0.36
C VAL D 8 0.62 32.23 1.16
N PHE D 9 0.42 31.05 1.76
CA PHE D 9 0.57 30.84 3.20
C PHE D 9 1.78 29.93 3.41
N PRO D 10 2.91 30.49 3.87
CA PRO D 10 4.09 29.65 4.09
C PRO D 10 3.87 28.71 5.28
N TYR D 11 4.22 27.43 5.11
CA TYR D 11 4.13 26.48 6.21
C TYR D 11 5.39 26.75 7.02
N LEU D 12 5.26 27.51 8.10
CA LEU D 12 6.38 27.88 8.95
C LEU D 12 7.07 26.72 9.64
N VAL D 13 8.40 26.69 9.58
CA VAL D 13 9.12 25.64 10.30
C VAL D 13 8.97 26.05 11.76
N SER D 14 9.17 25.12 12.68
CA SER D 14 9.07 25.45 14.11
C SER D 14 10.50 25.45 14.68
N PRO D 15 11.07 26.65 14.91
CA PRO D 15 12.42 26.83 15.44
C PRO D 15 12.56 26.42 16.90
N VAL D 16 13.46 25.47 17.17
CA VAL D 16 13.69 25.00 18.53
C VAL D 16 15.18 24.83 18.78
N ASP D 17 15.58 24.77 20.04
CA ASP D 17 16.99 24.56 20.36
C ASP D 17 17.17 23.07 20.64
N ALA D 18 18.36 22.70 21.11
CA ALA D 18 18.66 21.30 21.40
C ALA D 18 17.73 20.66 22.42
N GLU D 19 17.25 21.46 23.37
CA GLU D 19 16.37 20.95 24.41
C GLU D 19 14.89 20.97 24.03
N GLY D 20 14.60 21.40 22.80
CA GLY D 20 13.23 21.45 22.35
C GLY D 20 12.50 22.74 22.67
N ARG D 21 13.22 23.73 23.19
CA ARG D 21 12.60 25.01 23.53
C ARG D 21 12.43 25.84 22.27
N VAL D 22 11.21 26.33 22.07
CA VAL D 22 10.87 27.13 20.90
C VAL D 22 11.56 28.48 20.91
N ARG D 23 12.18 28.84 19.78
CA ARG D 23 12.88 30.12 19.64
C ARG D 23 11.93 31.18 19.10
N ALA D 24 11.20 31.84 19.99
CA ALA D 24 10.23 32.86 19.61
C ALA D 24 10.85 34.01 18.84
N ASP D 25 12.05 34.40 19.22
CA ASP D 25 12.74 35.50 18.55
C ASP D 25 13.06 35.17 17.10
N VAL D 26 13.57 33.97 16.86
CA VAL D 26 13.89 33.56 15.49
C VAL D 26 12.60 33.48 14.67
N MET D 27 11.56 32.90 15.25
CA MET D 27 10.27 32.77 14.56
C MET D 27 9.72 34.16 14.23
N GLY D 28 9.91 35.09 15.16
CA GLY D 28 9.44 36.44 14.95
C GLY D 28 10.03 37.16 13.74
N ARG D 29 11.35 37.15 13.61
CA ARG D 29 11.93 37.83 12.45
C ARG D 29 11.61 37.11 11.15
N LEU D 30 11.50 35.79 11.19
CA LEU D 30 11.15 35.05 9.99
C LEU D 30 9.75 35.47 9.53
N CYS D 31 8.79 35.43 10.45
CA CYS D 31 7.41 35.81 10.12
C CYS D 31 7.34 37.24 9.62
N ASP D 32 8.09 38.13 10.25
CA ASP D 32 8.08 39.53 9.84
C ASP D 32 8.64 39.66 8.42
N ASP D 33 9.74 38.98 8.15
CA ASP D 33 10.34 39.04 6.82
C ASP D 33 9.42 38.46 5.75
N LEU D 34 8.74 37.36 6.07
CA LEU D 34 7.84 36.75 5.10
C LEU D 34 6.68 37.70 4.78
N ILE D 35 6.13 38.33 5.81
CA ILE D 35 5.04 39.28 5.61
C ILE D 35 5.55 40.45 4.76
N GLN D 36 6.74 40.94 5.08
CA GLN D 36 7.30 42.05 4.32
C GLN D 36 7.54 41.65 2.87
N ALA D 37 7.66 40.35 2.62
CA ALA D 37 7.89 39.84 1.26
C ALA D 37 6.56 39.73 0.53
N GLY D 38 5.46 39.99 1.24
CA GLY D 38 4.15 39.94 0.62
C GLY D 38 3.33 38.65 0.71
N VAL D 39 3.67 37.75 1.62
CA VAL D 39 2.88 36.52 1.74
C VAL D 39 1.50 36.94 2.22
N HIS D 40 0.48 36.17 1.84
CA HIS D 40 -0.91 36.50 2.16
C HIS D 40 -1.45 35.88 3.45
N GLY D 41 -0.61 35.12 4.14
CA GLY D 41 -1.03 34.48 5.37
C GLY D 41 0.12 33.66 5.92
N LEU D 42 -0.05 33.11 7.11
CA LEU D 42 0.96 32.30 7.75
C LEU D 42 0.29 31.08 8.34
N THR D 43 0.96 29.94 8.27
CA THR D 43 0.41 28.70 8.79
C THR D 43 1.36 27.90 9.65
N PRO D 44 1.38 28.18 10.96
CA PRO D 44 2.26 27.46 11.87
C PRO D 44 1.63 26.10 12.15
N LEU D 45 2.47 25.15 12.56
CA LEU D 45 2.05 23.80 12.90
C LEU D 45 1.46 22.97 11.75
N GLY D 46 1.97 23.21 10.55
CA GLY D 46 1.56 22.42 9.40
C GLY D 46 2.61 21.31 9.42
N SER D 47 2.58 20.40 8.45
CA SER D 47 3.56 19.31 8.45
C SER D 47 5.00 19.83 8.46
N THR D 48 5.28 20.87 7.69
CA THR D 48 6.64 21.43 7.65
C THR D 48 7.02 21.98 9.03
N GLY D 49 6.00 22.29 9.83
CA GLY D 49 6.22 22.81 11.16
C GLY D 49 6.45 21.73 12.19
N GLU D 50 6.57 20.48 11.75
CA GLU D 50 6.82 19.36 12.65
C GLU D 50 5.81 19.24 13.78
N PHE D 51 4.53 19.48 13.50
CA PHE D 51 3.53 19.39 14.55
C PHE D 51 3.54 18.01 15.20
N ALA D 52 3.86 16.99 14.42
CA ALA D 52 3.87 15.62 14.90
C ALA D 52 4.93 15.34 15.94
N TYR D 53 5.90 16.22 16.07
CA TYR D 53 7.00 16.03 17.02
C TYR D 53 6.97 16.98 18.22
N LEU D 54 5.98 17.86 18.27
CA LEU D 54 5.88 18.83 19.36
C LEU D 54 4.74 18.58 20.32
N GLY D 55 5.02 18.72 21.61
CA GLY D 55 4.00 18.53 22.63
C GLY D 55 3.06 19.71 22.80
N THR D 56 2.15 19.60 23.77
CA THR D 56 1.17 20.64 24.05
C THR D 56 1.82 22.01 24.24
N ALA D 57 2.79 22.08 25.13
CA ALA D 57 3.48 23.33 25.41
C ALA D 57 4.22 23.89 24.19
N GLN D 58 4.95 23.04 23.49
CA GLN D 58 5.70 23.49 22.31
C GLN D 58 4.78 24.05 21.22
N ARG D 59 3.66 23.38 20.97
CA ARG D 59 2.73 23.85 19.95
C ARG D 59 2.18 25.23 20.32
N GLU D 60 1.73 25.38 21.56
CA GLU D 60 1.20 26.67 22.00
C GLU D 60 2.24 27.76 21.82
N ALA D 61 3.47 27.48 22.24
CA ALA D 61 4.56 28.44 22.11
C ALA D 61 4.78 28.83 20.66
N VAL D 62 4.68 27.87 19.75
CA VAL D 62 4.87 28.15 18.32
C VAL D 62 3.76 29.08 17.83
N VAL D 63 2.53 28.75 18.16
CA VAL D 63 1.38 29.54 17.75
C VAL D 63 1.39 30.95 18.34
N ARG D 64 1.73 31.06 19.62
CA ARG D 64 1.76 32.36 20.29
C ARG D 64 2.78 33.29 19.62
N ALA D 65 3.96 32.74 19.34
CA ALA D 65 5.04 33.51 18.73
C ALA D 65 4.68 33.99 17.33
N THR D 66 3.96 33.15 16.58
CA THR D 66 3.56 33.51 15.23
C THR D 66 2.54 34.64 15.27
N ILE D 67 1.51 34.48 16.12
CA ILE D 67 0.46 35.49 16.25
C ILE D 67 1.06 36.85 16.63
N GLU D 68 1.93 36.86 17.64
CA GLU D 68 2.57 38.10 18.10
C GLU D 68 3.41 38.80 17.02
N ALA D 69 4.18 38.02 16.27
CA ALA D 69 5.01 38.61 15.22
C ALA D 69 4.20 39.14 14.04
N ALA D 70 3.08 38.48 13.73
CA ALA D 70 2.25 38.92 12.61
C ALA D 70 1.53 40.25 12.87
N GLN D 71 1.13 40.49 14.11
CA GLN D 71 0.43 41.74 14.44
C GLN D 71 -0.79 42.01 13.55
N ARG D 72 -1.58 40.97 13.28
CA ARG D 72 -2.79 41.12 12.46
C ARG D 72 -2.58 41.54 11.01
N ARG D 73 -1.32 41.59 10.57
CA ARG D 73 -1.03 42.00 9.20
C ARG D 73 -1.59 41.02 8.16
N VAL D 74 -1.48 39.73 8.45
CA VAL D 74 -2.00 38.68 7.59
C VAL D 74 -2.61 37.63 8.50
N PRO D 75 -3.61 36.89 8.00
CA PRO D 75 -4.24 35.86 8.83
C PRO D 75 -3.28 34.74 9.23
N VAL D 76 -3.43 34.29 10.46
CA VAL D 76 -2.61 33.20 11.01
C VAL D 76 -3.50 31.99 11.19
N VAL D 77 -3.33 30.98 10.34
CA VAL D 77 -4.11 29.74 10.41
C VAL D 77 -3.27 28.69 11.13
N ALA D 78 -3.73 28.28 12.31
CA ALA D 78 -3.00 27.32 13.13
C ALA D 78 -3.41 25.86 12.95
N GLY D 79 -2.41 25.01 12.70
CA GLY D 79 -2.69 23.61 12.54
C GLY D 79 -3.11 22.95 13.85
N VAL D 80 -4.22 22.21 13.80
CA VAL D 80 -4.73 21.49 14.96
C VAL D 80 -4.82 20.02 14.56
N ALA D 81 -3.84 19.23 14.99
CA ALA D 81 -3.78 17.82 14.67
C ALA D 81 -3.96 16.97 15.92
N SER D 82 -4.78 15.94 15.80
CA SER D 82 -5.04 15.05 16.93
C SER D 82 -5.76 13.77 16.51
N THR D 83 -5.68 12.76 17.35
CA THR D 83 -6.34 11.49 17.11
C THR D 83 -7.71 11.50 17.81
N SER D 84 -7.87 12.42 18.76
CA SER D 84 -9.12 12.49 19.51
C SER D 84 -9.86 13.81 19.41
N VAL D 85 -11.16 13.76 19.64
CA VAL D 85 -12.01 14.95 19.60
C VAL D 85 -11.65 15.92 20.72
N ALA D 86 -11.59 15.41 21.95
CA ALA D 86 -11.28 16.25 23.11
C ALA D 86 -9.98 17.05 22.94
N ASP D 87 -8.94 16.41 22.46
CA ASP D 87 -7.65 17.07 22.28
C ASP D 87 -7.69 18.13 21.18
N ALA D 88 -8.33 17.80 20.06
CA ALA D 88 -8.42 18.74 18.96
C ALA D 88 -9.23 19.97 19.40
N VAL D 89 -10.33 19.73 20.10
CA VAL D 89 -11.18 20.82 20.58
C VAL D 89 -10.39 21.72 21.52
N ALA D 90 -9.60 21.12 22.41
CA ALA D 90 -8.80 21.89 23.35
C ALA D 90 -7.81 22.78 22.59
N GLN D 91 -7.14 22.22 21.60
CA GLN D 91 -6.17 22.97 20.78
C GLN D 91 -6.84 24.12 20.04
N ALA D 92 -7.92 23.83 19.33
CA ALA D 92 -8.63 24.84 18.57
C ALA D 92 -9.07 26.01 19.45
N LYS D 93 -9.69 25.70 20.59
CA LYS D 93 -10.15 26.74 21.51
C LYS D 93 -8.97 27.57 21.99
N LEU D 94 -7.86 26.92 22.32
CA LEU D 94 -6.67 27.62 22.79
C LEU D 94 -6.08 28.56 21.74
N TYR D 95 -5.86 28.04 20.54
CA TYR D 95 -5.29 28.86 19.47
C TYR D 95 -6.19 30.04 19.14
N GLU D 96 -7.50 29.83 19.18
CA GLU D 96 -8.45 30.89 18.89
C GLU D 96 -8.30 31.97 19.96
N LYS D 97 -8.15 31.50 21.20
CA LYS D 97 -8.00 32.37 22.36
C LYS D 97 -6.71 33.17 22.28
N LEU D 98 -5.66 32.56 21.74
CA LEU D 98 -4.37 33.23 21.61
C LEU D 98 -4.41 34.32 20.51
N GLY D 99 -5.37 34.20 19.59
CA GLY D 99 -5.50 35.18 18.53
C GLY D 99 -5.49 34.65 17.09
N ALA D 100 -5.47 33.32 16.93
CA ALA D 100 -5.46 32.73 15.58
C ALA D 100 -6.65 33.22 14.77
N ASP D 101 -6.46 33.34 13.47
CA ASP D 101 -7.52 33.79 12.57
C ASP D 101 -8.25 32.62 11.92
N GLY D 102 -7.62 31.45 11.94
CA GLY D 102 -8.24 30.28 11.35
C GLY D 102 -7.67 29.00 11.92
N ILE D 103 -8.33 27.88 11.66
CA ILE D 103 -7.86 26.59 12.15
C ILE D 103 -7.65 25.63 10.97
N LEU D 104 -6.47 25.01 10.92
CA LEU D 104 -6.21 24.03 9.88
C LEU D 104 -6.48 22.71 10.58
N ALA D 105 -7.67 22.17 10.38
CA ALA D 105 -8.09 20.92 11.02
C ALA D 105 -7.46 19.67 10.38
N ILE D 106 -6.70 18.95 11.17
CA ILE D 106 -6.01 17.75 10.72
C ILE D 106 -6.43 16.53 11.55
N LEU D 107 -6.94 15.51 10.89
CA LEU D 107 -7.34 14.29 11.58
C LEU D 107 -6.25 13.24 11.46
N GLU D 108 -5.73 12.79 12.59
CA GLU D 108 -4.72 11.73 12.62
C GLU D 108 -5.52 10.53 13.11
N ALA D 109 -5.32 9.37 12.52
CA ALA D 109 -6.06 8.20 12.95
C ALA D 109 -5.14 7.04 13.29
N TYR D 110 -5.59 6.22 14.23
CA TYR D 110 -4.86 5.04 14.63
C TYR D 110 -5.74 3.89 14.16
N PHE D 111 -6.81 3.62 14.89
CA PHE D 111 -7.77 2.59 14.48
C PHE D 111 -8.61 3.20 13.36
N PRO D 112 -9.00 2.38 12.37
CA PRO D 112 -9.81 2.86 11.25
C PRO D 112 -11.13 3.49 11.72
N LEU D 113 -11.58 4.53 11.02
CA LEU D 113 -12.81 5.23 11.35
C LEU D 113 -13.80 5.25 10.19
N LYS D 114 -15.09 5.07 10.49
CA LYS D 114 -16.09 5.11 9.44
C LYS D 114 -16.37 6.58 9.12
N ASP D 115 -16.98 6.83 7.96
CA ASP D 115 -17.27 8.20 7.55
C ASP D 115 -18.02 9.03 8.60
N ALA D 116 -18.94 8.41 9.31
CA ALA D 116 -19.71 9.12 10.33
C ALA D 116 -18.78 9.64 11.43
N GLN D 117 -17.83 8.82 11.86
CA GLN D 117 -16.89 9.22 12.90
C GLN D 117 -15.94 10.31 12.41
N ILE D 118 -15.44 10.14 11.19
CA ILE D 118 -14.54 11.12 10.60
C ILE D 118 -15.23 12.48 10.56
N GLU D 119 -16.48 12.49 10.12
CA GLU D 119 -17.24 13.73 10.05
C GLU D 119 -17.44 14.39 11.41
N SER D 120 -17.74 13.59 12.43
CA SER D 120 -17.97 14.12 13.77
C SER D 120 -16.74 14.85 14.35
N TYR D 121 -15.55 14.43 13.94
CA TYR D 121 -14.31 15.05 14.42
C TYR D 121 -14.21 16.49 13.92
N PHE D 122 -14.30 16.66 12.60
CA PHE D 122 -14.21 17.98 12.00
C PHE D 122 -15.35 18.87 12.48
N ARG D 123 -16.54 18.30 12.58
CA ARG D 123 -17.71 19.05 13.03
C ARG D 123 -17.49 19.52 14.48
N ALA D 124 -16.83 18.68 15.28
CA ALA D 124 -16.55 19.02 16.68
C ALA D 124 -15.62 20.22 16.78
N ILE D 125 -14.60 20.26 15.93
CA ILE D 125 -13.65 21.36 15.95
C ILE D 125 -14.33 22.65 15.53
N ALA D 126 -15.14 22.59 14.46
CA ALA D 126 -15.86 23.78 14.00
C ALA D 126 -16.81 24.31 15.05
N ASP D 127 -17.49 23.41 15.75
CA ASP D 127 -18.44 23.81 16.79
C ASP D 127 -17.74 24.34 18.03
N ALA D 128 -16.42 24.20 18.07
CA ALA D 128 -15.66 24.63 19.22
C ALA D 128 -15.15 26.07 19.16
N VAL D 129 -15.17 26.65 17.97
CA VAL D 129 -14.66 28.01 17.82
C VAL D 129 -15.55 28.86 16.91
N GLU D 130 -15.23 30.15 16.85
CA GLU D 130 -15.98 31.07 16.01
C GLU D 130 -15.19 31.51 14.78
N ILE D 131 -13.94 31.04 14.65
CA ILE D 131 -13.10 31.38 13.51
C ILE D 131 -13.25 30.30 12.45
N PRO D 132 -13.03 30.64 11.16
CA PRO D 132 -13.14 29.68 10.06
C PRO D 132 -12.19 28.48 10.15
N VAL D 133 -12.67 27.34 9.68
CA VAL D 133 -11.90 26.10 9.68
C VAL D 133 -11.52 25.69 8.26
N VAL D 134 -10.28 25.23 8.12
CA VAL D 134 -9.75 24.75 6.85
C VAL D 134 -9.52 23.26 7.03
N ILE D 135 -10.29 22.45 6.32
CA ILE D 135 -10.13 21.01 6.43
C ILE D 135 -8.86 20.57 5.73
N TYR D 136 -8.06 19.75 6.40
CA TYR D 136 -6.82 19.24 5.79
C TYR D 136 -7.09 17.84 5.25
N THR D 137 -6.57 17.56 4.07
CA THR D 137 -6.76 16.25 3.48
C THR D 137 -5.60 15.76 2.62
N ASN D 138 -5.26 14.48 2.75
CA ASN D 138 -4.22 13.87 1.94
C ASN D 138 -4.39 12.36 1.96
N PRO D 139 -5.25 11.85 1.06
CA PRO D 139 -5.57 10.43 0.93
C PRO D 139 -4.36 9.54 0.69
N GLN D 140 -3.24 10.14 0.29
CA GLN D 140 -2.04 9.35 0.01
C GLN D 140 -1.18 9.11 1.24
N PHE D 141 -1.40 9.87 2.30
CA PHE D 141 -0.60 9.69 3.50
C PHE D 141 -1.40 9.34 4.75
N GLN D 142 -2.55 10.00 4.90
CA GLN D 142 -3.43 9.81 6.05
C GLN D 142 -4.06 8.42 6.14
N ARG D 143 -4.15 7.89 7.35
CA ARG D 143 -4.76 6.58 7.58
C ARG D 143 -6.27 6.67 7.43
N SER D 144 -6.84 7.82 7.78
CA SER D 144 -8.28 8.04 7.67
C SER D 144 -8.51 9.38 6.97
N ASP D 145 -9.06 9.35 5.77
CA ASP D 145 -9.29 10.61 5.08
C ASP D 145 -10.74 10.87 4.65
N LEU D 146 -10.95 11.90 3.84
CA LEU D 146 -12.31 12.29 3.44
C LEU D 146 -12.77 11.96 2.01
N THR D 147 -13.97 11.44 1.90
CA THR D 147 -14.55 11.13 0.59
C THR D 147 -15.22 12.42 0.13
N LEU D 148 -15.48 12.53 -1.18
CA LEU D 148 -16.13 13.74 -1.69
C LEU D 148 -17.44 14.00 -0.95
N ASP D 149 -18.16 12.93 -0.63
CA ASP D 149 -19.43 13.05 0.08
C ASP D 149 -19.27 13.63 1.49
N VAL D 150 -18.26 13.17 2.22
CA VAL D 150 -18.03 13.68 3.57
C VAL D 150 -17.69 15.16 3.48
N ILE D 151 -16.81 15.49 2.54
CA ILE D 151 -16.40 16.87 2.33
C ILE D 151 -17.61 17.73 2.02
N ALA D 152 -18.50 17.24 1.17
CA ALA D 152 -19.70 17.99 0.81
C ALA D 152 -20.56 18.27 2.03
N ARG D 153 -20.73 17.27 2.90
CA ARG D 153 -21.53 17.44 4.09
C ARG D 153 -20.88 18.40 5.07
N LEU D 154 -19.55 18.37 5.15
CA LEU D 154 -18.86 19.28 6.06
C LEU D 154 -18.97 20.71 5.60
N ALA D 155 -18.90 20.93 4.29
CA ALA D 155 -19.00 22.28 3.74
C ALA D 155 -20.33 22.94 4.13
N GLU D 156 -21.27 22.14 4.63
CA GLU D 156 -22.57 22.68 5.03
C GLU D 156 -22.47 23.40 6.37
N HIS D 157 -21.39 23.15 7.10
CA HIS D 157 -21.19 23.81 8.39
C HIS D 157 -20.88 25.27 8.08
N PRO D 158 -21.48 26.21 8.82
CA PRO D 158 -21.22 27.63 8.57
C PRO D 158 -19.76 28.06 8.65
N ARG D 159 -18.98 27.47 9.55
CA ARG D 159 -17.59 27.86 9.70
C ARG D 159 -16.53 27.01 8.98
N ILE D 160 -16.96 25.95 8.31
CA ILE D 160 -16.02 25.12 7.53
C ILE D 160 -16.15 25.68 6.11
N ARG D 161 -15.20 26.52 5.70
CA ARG D 161 -15.26 27.16 4.40
C ARG D 161 -14.05 26.99 3.48
N TYR D 162 -13.05 26.22 3.93
CA TYR D 162 -11.86 26.00 3.14
C TYR D 162 -11.39 24.57 3.30
N ILE D 163 -10.57 24.12 2.35
CA ILE D 163 -10.01 22.78 2.39
C ILE D 163 -8.64 22.87 1.74
N LYS D 164 -7.66 22.19 2.32
CA LYS D 164 -6.31 22.18 1.77
C LYS D 164 -5.90 20.74 1.51
N ASP D 165 -5.73 20.39 0.24
CA ASP D 165 -5.35 19.04 -0.14
C ASP D 165 -3.84 18.98 -0.39
N ALA D 166 -3.16 18.05 0.27
CA ALA D 166 -1.71 17.91 0.11
C ALA D 166 -1.29 16.69 -0.73
N SER D 167 -2.25 16.04 -1.38
CA SER D 167 -1.93 14.87 -2.23
C SER D 167 -1.47 15.39 -3.59
N THR D 168 -1.14 14.49 -4.51
CA THR D 168 -0.70 14.91 -5.84
C THR D 168 -1.87 14.84 -6.83
N ASN D 169 -3.02 14.39 -6.33
CA ASN D 169 -4.20 14.24 -7.17
C ASN D 169 -4.94 15.56 -7.43
N THR D 170 -4.42 16.35 -8.36
CA THR D 170 -5.03 17.64 -8.70
C THR D 170 -6.46 17.45 -9.24
N GLY D 171 -6.70 16.34 -9.92
CA GLY D 171 -8.03 16.09 -10.46
C GLY D 171 -9.05 16.09 -9.33
N ARG D 172 -8.60 15.58 -8.19
CA ARG D 172 -9.43 15.50 -6.99
C ARG D 172 -9.94 16.90 -6.64
N LEU D 173 -9.06 17.90 -6.80
CA LEU D 173 -9.43 19.30 -6.50
C LEU D 173 -10.54 19.79 -7.40
N LEU D 174 -10.44 19.49 -8.69
CA LEU D 174 -11.48 19.92 -9.62
C LEU D 174 -12.82 19.29 -9.26
N SER D 175 -12.79 18.05 -8.78
CA SER D 175 -14.04 17.39 -8.39
C SER D 175 -14.66 18.12 -7.19
N ILE D 176 -13.81 18.52 -6.25
CA ILE D 176 -14.28 19.23 -5.05
C ILE D 176 -14.93 20.56 -5.43
N ILE D 177 -14.29 21.30 -6.33
CA ILE D 177 -14.82 22.59 -6.77
C ILE D 177 -16.14 22.40 -7.54
N ASN D 178 -16.19 21.39 -8.41
CA ASN D 178 -17.41 21.12 -9.18
C ASN D 178 -18.57 20.78 -8.25
N ARG D 179 -18.24 20.11 -7.15
CA ARG D 179 -19.23 19.69 -6.18
C ARG D 179 -19.65 20.75 -5.16
N CYS D 180 -18.69 21.48 -4.62
CA CYS D 180 -18.98 22.46 -3.60
C CYS D 180 -18.97 23.92 -4.01
N GLY D 181 -18.40 24.21 -5.18
CA GLY D 181 -18.36 25.58 -5.63
C GLY D 181 -17.71 26.52 -4.62
N ASP D 182 -18.38 27.63 -4.31
CA ASP D 182 -17.85 28.61 -3.38
C ASP D 182 -18.03 28.31 -1.91
N ALA D 183 -18.79 27.26 -1.60
CA ALA D 183 -19.02 26.89 -0.21
C ALA D 183 -17.73 26.36 0.40
N LEU D 184 -16.78 26.00 -0.45
CA LEU D 184 -15.50 25.47 0.02
C LEU D 184 -14.37 25.93 -0.90
N GLN D 185 -13.59 26.90 -0.44
CA GLN D 185 -12.48 27.41 -1.25
C GLN D 185 -11.26 26.50 -1.08
N VAL D 186 -10.60 26.20 -2.19
CA VAL D 186 -9.48 25.26 -2.22
C VAL D 186 -8.05 25.78 -2.19
N PHE D 187 -7.27 25.21 -1.27
CA PHE D 187 -5.86 25.52 -1.11
C PHE D 187 -5.09 24.25 -1.48
N SER D 188 -3.91 24.42 -2.06
CA SER D 188 -3.10 23.27 -2.43
C SER D 188 -1.80 23.30 -1.65
N ALA D 189 -0.97 22.29 -1.87
CA ALA D 189 0.34 22.19 -1.22
C ALA D 189 1.35 21.97 -2.33
N SER D 190 2.63 21.85 -1.98
CA SER D 190 3.66 21.67 -2.99
C SER D 190 3.55 20.43 -3.87
N ALA D 191 2.72 19.47 -3.47
CA ALA D 191 2.55 18.25 -4.27
C ALA D 191 1.75 18.57 -5.54
N HIS D 192 1.03 19.69 -5.52
CA HIS D 192 0.25 20.17 -6.65
C HIS D 192 0.99 21.30 -7.34
N ILE D 193 0.84 21.41 -8.66
CA ILE D 193 1.47 22.49 -9.41
C ILE D 193 0.61 23.72 -9.15
N PRO D 194 1.18 24.75 -8.49
CA PRO D 194 0.44 25.98 -8.17
C PRO D 194 -0.33 26.59 -9.35
N ALA D 195 0.34 26.74 -10.49
CA ALA D 195 -0.28 27.33 -11.68
C ALA D 195 -1.50 26.54 -12.15
N ALA D 196 -1.44 25.22 -12.05
CA ALA D 196 -2.55 24.39 -12.48
C ALA D 196 -3.69 24.50 -11.46
N VAL D 197 -3.34 24.62 -10.19
CA VAL D 197 -4.35 24.75 -9.14
C VAL D 197 -5.13 26.05 -9.31
N MET D 198 -4.41 27.12 -9.64
CA MET D 198 -5.03 28.42 -9.85
C MET D 198 -5.84 28.39 -11.13
N LEU D 199 -5.37 27.66 -12.14
CA LEU D 199 -6.09 27.60 -13.40
C LEU D 199 -7.48 26.97 -13.24
N ILE D 200 -7.57 25.92 -12.44
CA ILE D 200 -8.83 25.21 -12.26
C ILE D 200 -9.77 25.78 -11.21
N GLY D 201 -9.38 26.87 -10.54
CA GLY D 201 -10.26 27.46 -9.55
C GLY D 201 -9.83 27.51 -8.10
N GLY D 202 -8.58 27.14 -7.82
CA GLY D 202 -8.11 27.19 -6.44
C GLY D 202 -7.87 28.64 -6.03
N VAL D 203 -7.82 28.90 -4.72
CA VAL D 203 -7.60 30.28 -4.26
C VAL D 203 -6.17 30.58 -3.79
N GLY D 204 -5.35 29.54 -3.61
CA GLY D 204 -3.99 29.75 -3.16
C GLY D 204 -3.33 28.46 -2.70
N TRP D 205 -2.23 28.57 -1.95
CA TRP D 205 -1.55 27.38 -1.46
C TRP D 205 -0.78 27.62 -0.17
N MET D 206 -0.71 26.57 0.66
CA MET D 206 0.03 26.59 1.91
C MET D 206 1.14 25.58 1.68
N ALA D 207 2.40 26.03 1.67
CA ALA D 207 3.51 25.14 1.39
C ALA D 207 4.82 25.51 2.09
N GLY D 208 5.61 24.50 2.41
CA GLY D 208 6.88 24.73 3.07
C GLY D 208 7.87 25.57 2.30
N PRO D 209 8.11 25.28 0.99
CA PRO D 209 9.04 26.03 0.15
C PRO D 209 8.82 27.54 0.12
N ALA D 210 7.58 27.98 0.33
CA ALA D 210 7.25 29.40 0.32
C ALA D 210 8.09 30.13 1.36
N CYS D 211 8.60 29.40 2.34
CA CYS D 211 9.44 29.97 3.37
C CYS D 211 10.77 30.48 2.81
N ILE D 212 11.33 29.74 1.85
CA ILE D 212 12.62 30.14 1.28
C ILE D 212 12.54 30.91 -0.04
N ALA D 213 11.35 30.97 -0.63
CA ALA D 213 11.16 31.72 -1.88
C ALA D 213 9.84 32.48 -1.80
N PRO D 214 9.64 33.26 -0.72
CA PRO D 214 8.40 34.00 -0.56
C PRO D 214 8.04 34.98 -1.67
N ARG D 215 8.98 35.82 -2.09
CA ARG D 215 8.71 36.81 -3.13
C ARG D 215 8.39 36.16 -4.48
N GLN D 216 9.12 35.11 -4.83
CA GLN D 216 8.89 34.42 -6.09
C GLN D 216 7.53 33.73 -6.05
N SER D 217 7.18 33.17 -4.89
CA SER D 217 5.91 32.48 -4.75
C SER D 217 4.76 33.49 -4.88
N VAL D 218 4.91 34.64 -4.23
CA VAL D 218 3.88 35.67 -4.33
C VAL D 218 3.77 36.12 -5.79
N ALA D 219 4.92 36.30 -6.44
CA ALA D 219 4.94 36.72 -7.84
C ALA D 219 4.18 35.73 -8.72
N LEU D 220 4.39 34.44 -8.47
CA LEU D 220 3.71 33.41 -9.24
C LEU D 220 2.21 33.51 -9.01
N TYR D 221 1.82 33.71 -7.75
CA TYR D 221 0.41 33.83 -7.43
C TYR D 221 -0.18 35.00 -8.21
N GLU D 222 0.49 36.16 -8.14
CA GLU D 222 0.01 37.35 -8.82
C GLU D 222 -0.11 37.14 -10.33
N LEU D 223 0.91 36.54 -10.93
CA LEU D 223 0.87 36.27 -12.37
C LEU D 223 -0.35 35.41 -12.74
N CYS D 224 -0.60 34.36 -11.96
CA CYS D 224 -1.74 33.49 -12.23
C CYS D 224 -3.06 34.25 -12.12
N LYS D 225 -3.21 35.04 -11.05
CA LYS D 225 -4.44 35.81 -10.86
C LYS D 225 -4.68 36.76 -12.03
N ALA D 226 -3.61 37.34 -12.54
CA ALA D 226 -3.70 38.28 -13.67
C ALA D 226 -3.86 37.55 -15.01
N GLN D 227 -3.87 36.23 -14.97
CA GLN D 227 -4.03 35.43 -16.19
C GLN D 227 -2.86 35.60 -17.15
N ARG D 228 -1.70 35.96 -16.63
CA ARG D 228 -0.51 36.11 -17.45
C ARG D 228 0.20 34.76 -17.43
N TRP D 229 -0.47 33.77 -18.02
CA TRP D 229 -0.02 32.38 -18.06
C TRP D 229 1.36 32.07 -18.61
N ASP D 230 1.78 32.70 -19.70
CA ASP D 230 3.11 32.45 -20.24
C ASP D 230 4.19 32.84 -19.23
N GLU D 231 4.01 34.00 -18.61
CA GLU D 231 4.98 34.46 -17.61
C GLU D 231 4.89 33.61 -16.35
N ALA D 232 3.66 33.20 -16.01
CA ALA D 232 3.45 32.37 -14.83
C ALA D 232 4.17 31.03 -14.99
N LEU D 233 4.05 30.43 -16.17
CA LEU D 233 4.68 29.14 -16.44
C LEU D 233 6.20 29.21 -16.44
N MET D 234 6.76 30.31 -16.95
CA MET D 234 8.21 30.47 -16.96
C MET D 234 8.67 30.30 -15.52
N LEU D 235 8.03 31.09 -14.66
CA LEU D 235 8.31 31.10 -13.23
C LEU D 235 7.96 29.77 -12.55
N GLN D 236 6.87 29.16 -12.97
CA GLN D 236 6.45 27.89 -12.38
C GLN D 236 7.49 26.79 -12.64
N ARG D 237 8.06 26.77 -13.84
CA ARG D 237 9.07 25.76 -14.16
C ARG D 237 10.25 25.90 -13.22
N LYS D 238 10.72 27.13 -13.03
CA LYS D 238 11.86 27.36 -12.16
C LYS D 238 11.55 26.95 -10.72
N LEU D 239 10.38 27.36 -10.22
CA LEU D 239 10.01 27.00 -8.86
C LEU D 239 9.71 25.51 -8.73
N TRP D 240 9.26 24.86 -9.80
CA TRP D 240 9.00 23.43 -9.70
C TRP D 240 10.32 22.70 -9.55
N ARG D 241 11.37 23.20 -10.22
CA ARG D 241 12.68 22.58 -10.11
C ARG D 241 13.11 22.59 -8.65
N VAL D 242 12.70 23.61 -7.92
CA VAL D 242 13.04 23.71 -6.50
C VAL D 242 12.39 22.58 -5.72
N ASN D 243 11.11 22.33 -5.99
CA ASN D 243 10.39 21.26 -5.31
C ASN D 243 11.01 19.90 -5.63
N GLU D 244 11.29 19.67 -6.92
CA GLU D 244 11.86 18.41 -7.37
C GLU D 244 13.17 18.10 -6.64
N ALA D 245 13.94 19.14 -6.33
CA ALA D 245 15.20 18.97 -5.61
C ALA D 245 14.93 18.61 -4.15
N PHE D 246 13.88 19.19 -3.58
CA PHE D 246 13.53 18.92 -2.19
C PHE D 246 12.84 17.56 -2.06
N ALA D 247 12.13 17.17 -3.11
CA ALA D 247 11.39 15.91 -3.15
C ALA D 247 12.30 14.69 -3.06
N LYS D 248 12.97 14.54 -1.93
CA LYS D 248 13.86 13.42 -1.69
C LYS D 248 14.29 13.47 -0.24
N PHE D 249 14.23 14.68 0.33
CA PHE D 249 14.61 14.90 1.71
C PHE D 249 13.38 15.10 2.59
N ASN D 250 13.60 15.02 3.89
CA ASN D 250 12.57 15.27 4.88
C ASN D 250 12.32 16.77 4.65
N LEU D 251 11.10 17.15 4.31
CA LEU D 251 10.82 18.56 4.01
C LEU D 251 11.06 19.55 5.14
N ALA D 252 10.84 19.13 6.39
CA ALA D 252 11.06 20.02 7.52
C ALA D 252 12.56 20.28 7.65
N ALA D 253 13.35 19.22 7.51
CA ALA D 253 14.80 19.31 7.61
C ALA D 253 15.34 20.12 6.43
N CYS D 254 14.66 20.00 5.31
CA CYS D 254 15.06 20.71 4.10
C CYS D 254 14.89 22.22 4.22
N ILE D 255 13.69 22.65 4.64
CA ILE D 255 13.42 24.07 4.79
C ILE D 255 14.24 24.68 5.93
N LYS D 256 14.44 23.92 7.00
CA LYS D 256 15.23 24.42 8.11
C LYS D 256 16.67 24.64 7.66
N ALA D 257 17.15 23.77 6.78
CA ALA D 257 18.52 23.91 6.26
C ALA D 257 18.57 25.15 5.36
N GLY D 258 17.58 25.31 4.50
CA GLY D 258 17.53 26.45 3.59
C GLY D 258 17.39 27.78 4.33
N LEU D 259 16.57 27.79 5.37
CA LEU D 259 16.38 29.02 6.15
C LEU D 259 17.68 29.36 6.87
N ALA D 260 18.41 28.35 7.30
CA ALA D 260 19.68 28.56 8.00
C ALA D 260 20.68 29.18 7.02
N LEU D 261 20.70 28.67 5.79
CA LEU D 261 21.60 29.19 4.76
C LEU D 261 21.28 30.66 4.45
N GLN D 262 20.06 31.08 4.78
CA GLN D 262 19.63 32.46 4.53
C GLN D 262 19.79 33.34 5.77
N GLY D 263 20.45 32.81 6.80
CA GLY D 263 20.67 33.60 8.00
C GLY D 263 19.76 33.38 9.19
N TYR D 264 18.72 32.57 9.04
CA TYR D 264 17.79 32.31 10.14
C TYR D 264 18.27 31.14 10.99
N ASP D 265 18.41 31.37 12.29
CA ASP D 265 18.87 30.34 13.20
C ASP D 265 17.69 29.48 13.66
N VAL D 266 17.07 28.77 12.70
CA VAL D 266 15.93 27.93 12.99
C VAL D 266 16.28 26.61 13.69
N GLY D 267 17.55 26.24 13.68
CA GLY D 267 17.96 25.00 14.33
C GLY D 267 17.70 23.76 13.49
N ASP D 268 17.71 22.60 14.14
CA ASP D 268 17.49 21.34 13.44
C ASP D 268 16.14 20.71 13.73
N PRO D 269 15.76 19.69 12.94
CA PRO D 269 14.47 19.03 13.17
C PRO D 269 14.55 18.23 14.47
N ILE D 270 13.40 17.91 15.04
CA ILE D 270 13.35 17.16 16.28
C ILE D 270 13.79 15.70 16.13
N PRO D 271 14.82 15.27 16.88
CA PRO D 271 15.29 13.88 16.80
C PRO D 271 14.09 12.95 17.06
N PRO D 272 14.09 11.74 16.49
CA PRO D 272 15.06 11.07 15.63
C PRO D 272 15.24 11.59 14.20
N GLN D 273 14.53 12.64 13.80
CA GLN D 273 14.75 13.15 12.45
C GLN D 273 16.18 13.63 12.43
N ALA D 274 16.82 13.54 11.27
CA ALA D 274 18.21 13.99 11.15
C ALA D 274 18.25 15.29 10.36
N ALA D 275 19.22 16.13 10.66
CA ALA D 275 19.38 17.38 9.94
C ALA D 275 20.06 16.99 8.64
N LEU D 276 19.93 17.80 7.60
CA LEU D 276 20.59 17.46 6.35
C LEU D 276 22.10 17.43 6.58
N THR D 277 22.80 16.56 5.85
CA THR D 277 24.25 16.48 5.99
C THR D 277 24.88 17.64 5.23
N ALA D 278 26.18 17.86 5.42
CA ALA D 278 26.88 18.95 4.74
C ALA D 278 26.73 18.79 3.23
N GLU D 279 26.76 17.55 2.77
CA GLU D 279 26.61 17.24 1.35
C GLU D 279 25.20 17.55 0.87
N GLU D 280 24.20 17.11 1.62
CA GLU D 280 22.81 17.34 1.24
C GLU D 280 22.51 18.85 1.27
N ARG D 281 23.09 19.54 2.24
CA ARG D 281 22.90 20.99 2.39
C ARG D 281 23.49 21.72 1.19
N LYS D 282 24.64 21.26 0.73
CA LYS D 282 25.30 21.87 -0.43
C LYS D 282 24.34 21.84 -1.61
N ALA D 283 23.52 20.80 -1.69
CA ALA D 283 22.56 20.67 -2.77
C ALA D 283 21.43 21.67 -2.60
N VAL D 284 21.02 21.92 -1.36
CA VAL D 284 19.96 22.88 -1.10
C VAL D 284 20.51 24.24 -1.51
N GLU D 285 21.76 24.47 -1.12
CA GLU D 285 22.44 25.71 -1.43
C GLU D 285 22.42 26.04 -2.93
N LYS D 286 22.69 25.04 -3.76
CA LYS D 286 22.71 25.24 -5.20
C LYS D 286 21.32 25.60 -5.77
N VAL D 287 20.29 24.87 -5.35
CA VAL D 287 18.95 25.16 -5.85
C VAL D 287 18.49 26.54 -5.42
N LEU D 288 18.84 26.93 -4.21
CA LEU D 288 18.48 28.24 -3.67
C LEU D 288 19.17 29.35 -4.46
N ALA D 289 20.47 29.22 -4.65
CA ALA D 289 21.23 30.22 -5.39
C ALA D 289 20.71 30.40 -6.80
N GLU D 290 20.13 29.35 -7.38
CA GLU D 290 19.63 29.42 -8.75
C GLU D 290 18.37 30.26 -8.91
N ILE D 291 17.56 30.35 -7.87
CA ILE D 291 16.34 31.15 -7.93
C ILE D 291 16.45 32.43 -7.09
N ALA D 292 17.60 32.62 -6.47
CA ALA D 292 17.82 33.81 -5.64
C ALA D 292 17.79 35.05 -6.52
N GLU D 293 17.09 36.09 -6.06
CA GLU D 293 16.97 37.33 -6.82
C GLU D 293 17.74 38.46 -6.15
#